data_3EPM
#
_entry.id   3EPM
#
_cell.length_a   63.247
_cell.length_b   103.442
_cell.length_c   95.369
_cell.angle_alpha   90.000
_cell.angle_beta   91.620
_cell.angle_gamma   90.000
#
_symmetry.space_group_name_H-M   'P 1 21 1'
#
loop_
_entity.id
_entity.type
_entity.pdbx_description
1 polymer 'Thiamine biosynthesis protein thiC'
2 non-polymer 'ZINC ION'
3 non-polymer 4-AMINO-5-HYDROXYMETHYL-2-METHYLPYRIMIDINE
4 non-polymer 'SULFATE ION'
5 water water
#
_entity_poly.entity_id   1
_entity_poly.type   'polypeptide(L)'
_entity_poly.pdbx_seq_one_letter_code
;(MSE)NIQSTIKAVAETISTGPIPGSRKVYQAGELFPELRVPFREVAVHPSANEPPVTIYDPSGPYSDPAIQIDIEKGLP
RTREALVVARGDVEEVADPRQVKPEDNGFAQGKHLAPEFPDTGRKIYRAKPGKLVTQLEYARAGIITAE(MSE)EYVAIR
ENLRREQDRPCVRDGEDFGASIPDFVTPEFVRQEIARGRAIIPANINHGELEP(MSE)AIGRNFLVKINANIGNSAVLST
VADEVDKLVWATRWGADTV(MSE)DLSTGRNIHNIRDWIIRNSSVPIGTVPIYQALEKVNGVAEDLNWEVFRDTLIEQCE
QGVDYFTIHAGVRLPFIP(MSE)TAKRVTGIVSRGGSI(MSE)AKWCLAHHKENFLYERFDEICEI(MSE)RAYDVSFSL
GDGLRPGSTADANDEAQFSELRTLGELTKVAWKHGVQV(MSE)IEGPGHVA(MSE)HKIKAN(MSE)DEQLKHCHEAPFY
TLGPLTTDIAPGYDHITSAIGAA(MSE)IGWFGTA(MSE)LCYVTPKEHLGLPDRDDVKTGVITYKLAAHAADLAKGHPG
AA(MSE)WDDAISRARFEFRWEDQFNLGLDPETARKFHDETLPKEAHKTAHFCS(MSE)CGPKFCS(MSE)KISQEVRDF
AAGKAPNSAELG(MSE)AE(MSE)SEKFREQGSEIYLKTE
;
_entity_poly.pdbx_strand_id   A,B
#
# COMPACT_ATOMS: atom_id res chain seq x y z
N THR A 13 -18.30 8.47 15.42
CA THR A 13 -19.18 9.29 16.24
C THR A 13 -18.58 9.61 17.61
N ILE A 14 -18.29 8.58 18.40
CA ILE A 14 -17.76 8.77 19.75
C ILE A 14 -16.23 8.80 19.77
N SER A 15 -15.67 9.60 20.67
CA SER A 15 -14.22 9.77 20.84
C SER A 15 -13.69 9.07 22.09
N THR A 16 -14.59 8.75 23.02
CA THR A 16 -14.20 8.22 24.31
C THR A 16 -14.90 6.90 24.62
N GLY A 17 -14.41 6.18 25.64
CA GLY A 17 -14.96 4.89 26.01
C GLY A 17 -14.17 3.74 25.42
N PRO A 18 -14.52 2.52 25.82
CA PRO A 18 -13.82 1.33 25.33
C PRO A 18 -13.83 1.31 23.82
N ILE A 19 -12.81 0.70 23.22
CA ILE A 19 -12.79 0.55 21.77
C ILE A 19 -13.54 -0.73 21.44
N PRO A 20 -14.60 -0.60 20.62
CA PRO A 20 -15.56 -1.70 20.44
C PRO A 20 -14.90 -3.07 20.26
N GLY A 21 -15.36 -4.04 21.05
CA GLY A 21 -14.81 -5.39 21.04
C GLY A 21 -13.64 -5.63 21.98
N SER A 22 -13.21 -4.58 22.68
CA SER A 22 -12.03 -4.70 23.53
C SER A 22 -12.25 -4.01 24.86
N ARG A 23 -11.44 -4.39 25.85
CA ARG A 23 -11.45 -3.67 27.11
C ARG A 23 -10.02 -3.35 27.57
N LYS A 24 -9.89 -2.28 28.35
CA LYS A 24 -8.58 -1.81 28.79
C LYS A 24 -8.04 -2.67 29.93
N VAL A 25 -6.81 -3.14 29.76
CA VAL A 25 -6.14 -3.91 30.81
C VAL A 25 -4.77 -3.33 31.18
N TYR A 26 -4.31 -3.61 32.39
CA TYR A 26 -3.00 -3.13 32.82
C TYR A 26 -2.09 -4.24 33.24
N GLN A 27 -0.81 -4.02 33.06
CA GLN A 27 0.21 -4.88 33.63
C GLN A 27 1.04 -4.04 34.59
N ALA A 28 1.52 -4.66 35.66
CA ALA A 28 2.24 -3.90 36.69
C ALA A 28 3.74 -4.10 36.57
N GLY A 29 4.50 -3.10 36.98
CA GLY A 29 5.95 -3.21 36.95
C GLY A 29 6.50 -4.02 38.12
N GLU A 30 7.71 -4.53 37.94
CA GLU A 30 8.38 -5.28 39.00
C GLU A 30 9.53 -4.47 39.61
N LEU A 31 10.45 -3.98 38.77
CA LEU A 31 11.47 -3.03 39.19
C LEU A 31 10.79 -1.83 39.83
N PHE A 32 9.69 -1.43 39.23
CA PHE A 32 8.91 -0.29 39.67
C PHE A 32 7.46 -0.70 39.84
N PRO A 33 7.12 -1.21 41.03
CA PRO A 33 5.84 -1.85 41.32
C PRO A 33 4.62 -0.94 41.15
N GLU A 34 4.83 0.35 41.05
CA GLU A 34 3.72 1.30 40.94
C GLU A 34 3.32 1.59 39.50
N LEU A 35 4.13 1.18 38.53
CA LEU A 35 3.79 1.35 37.13
C LEU A 35 2.59 0.51 36.74
N ARG A 36 1.67 1.12 35.99
CA ARG A 36 0.59 0.40 35.34
C ARG A 36 0.61 0.67 33.84
N VAL A 37 1.15 -0.26 33.07
CA VAL A 37 1.29 -0.12 31.62
C VAL A 37 0.05 -0.62 30.91
N PRO A 38 -0.48 0.18 29.97
CA PRO A 38 -1.77 -0.07 29.30
C PRO A 38 -1.72 -1.06 28.15
N PHE A 39 -2.84 -1.75 27.98
CA PHE A 39 -3.08 -2.59 26.83
C PHE A 39 -4.58 -2.63 26.58
N ARG A 40 -4.98 -3.17 25.44
CA ARG A 40 -6.37 -3.53 25.28
C ARG A 40 -6.43 -4.99 24.89
N GLU A 41 -7.52 -5.62 25.29
CA GLU A 41 -7.65 -7.07 25.28
C GLU A 41 -8.91 -7.41 24.50
N VAL A 42 -8.79 -8.32 23.53
CA VAL A 42 -9.96 -8.79 22.81
C VAL A 42 -10.22 -10.25 23.12
N ALA A 43 -11.36 -10.52 23.75
CA ALA A 43 -11.75 -11.91 24.04
C ALA A 43 -12.46 -12.50 22.85
N VAL A 44 -12.25 -13.78 22.59
CA VAL A 44 -12.97 -14.46 21.52
C VAL A 44 -13.97 -15.48 22.07
N HIS A 45 -14.83 -15.99 21.21
CA HIS A 45 -15.85 -16.96 21.62
C HIS A 45 -15.24 -18.10 22.44
N PRO A 46 -15.98 -18.56 23.46
CA PRO A 46 -15.49 -19.62 24.35
C PRO A 46 -15.18 -20.92 23.61
N SER A 47 -15.96 -21.23 22.59
CA SER A 47 -15.73 -22.44 21.80
C SER A 47 -14.31 -22.54 21.27
N ALA A 48 -13.68 -21.40 21.02
CA ALA A 48 -12.36 -21.37 20.38
C ALA A 48 -11.23 -21.87 21.28
N ASN A 49 -11.48 -21.88 22.58
CA ASN A 49 -10.46 -22.32 23.53
C ASN A 49 -9.18 -21.51 23.38
N GLU A 50 -9.34 -20.23 23.08
CA GLU A 50 -8.21 -19.35 22.88
C GLU A 50 -8.15 -18.33 23.99
N PRO A 51 -6.94 -17.92 24.38
CA PRO A 51 -6.83 -16.82 25.33
C PRO A 51 -7.19 -15.51 24.62
N PRO A 52 -7.50 -14.47 25.38
CA PRO A 52 -7.74 -13.16 24.76
C PRO A 52 -6.48 -12.66 24.09
N VAL A 53 -6.66 -11.97 22.95
CA VAL A 53 -5.57 -11.39 22.18
C VAL A 53 -5.20 -10.03 22.75
N THR A 54 -3.92 -9.82 22.97
CA THR A 54 -3.42 -8.58 23.55
C THR A 54 -2.88 -7.65 22.47
N ILE A 55 -3.38 -6.42 22.47
CA ILE A 55 -3.06 -5.44 21.42
C ILE A 55 -2.43 -4.17 21.98
N TYR A 56 -1.44 -3.63 21.28
CA TYR A 56 -0.78 -2.39 21.71
C TYR A 56 -1.76 -1.21 21.59
N ASP A 57 -1.90 -0.45 22.67
CA ASP A 57 -2.91 0.59 22.76
C ASP A 57 -2.38 1.93 23.26
N PRO A 58 -2.31 2.93 22.37
CA PRO A 58 -1.83 4.26 22.76
C PRO A 58 -2.96 5.23 23.12
N SER A 59 -4.19 4.75 23.14
CA SER A 59 -5.33 5.64 23.30
C SER A 59 -5.32 6.36 24.65
N GLY A 60 -4.68 5.75 25.63
CA GLY A 60 -4.62 6.35 26.95
C GLY A 60 -5.90 6.26 27.75
N PRO A 61 -6.01 7.10 28.79
CA PRO A 61 -7.13 7.15 29.72
C PRO A 61 -8.49 7.38 29.07
N TYR A 62 -8.52 7.96 27.88
CA TYR A 62 -9.80 8.30 27.24
C TYR A 62 -10.58 7.05 26.88
N SER A 63 -9.90 5.91 26.81
CA SER A 63 -10.56 4.65 26.54
C SER A 63 -10.59 3.75 27.79
N ASP A 64 -10.44 4.38 28.96
CA ASP A 64 -10.50 3.68 30.26
C ASP A 64 -11.70 4.14 31.10
N PRO A 65 -12.67 3.24 31.30
CA PRO A 65 -13.96 3.53 31.93
C PRO A 65 -13.75 4.10 33.32
N ALA A 66 -12.79 3.51 34.02
CA ALA A 66 -12.46 3.81 35.41
C ALA A 66 -12.02 5.26 35.65
N ILE A 67 -11.43 5.88 34.63
CA ILE A 67 -10.97 7.25 34.75
C ILE A 67 -11.95 8.23 34.11
N GLN A 68 -12.36 9.23 34.88
CA GLN A 68 -13.18 10.30 34.33
C GLN A 68 -12.34 11.43 33.77
N ILE A 69 -12.81 11.97 32.66
CA ILE A 69 -12.07 12.93 31.87
C ILE A 69 -12.58 14.34 32.12
N ASP A 70 -11.68 15.22 32.53
CA ASP A 70 -11.99 16.64 32.61
C ASP A 70 -10.87 17.44 31.94
N ILE A 71 -11.10 17.89 30.71
CA ILE A 71 -10.03 18.51 29.96
C ILE A 71 -9.49 19.80 30.58
N GLU A 72 -10.24 20.40 31.51
CA GLU A 72 -9.79 21.60 32.22
C GLU A 72 -8.86 21.26 33.37
N LYS A 73 -8.87 19.99 33.76
CA LYS A 73 -7.97 19.52 34.79
C LYS A 73 -6.80 18.82 34.14
N GLY A 74 -7.05 18.27 32.96
CA GLY A 74 -6.06 17.51 32.24
C GLY A 74 -6.03 16.08 32.76
N LEU A 75 -5.28 15.22 32.09
CA LEU A 75 -5.08 13.85 32.53
C LEU A 75 -4.35 13.81 33.86
N PRO A 76 -4.44 12.67 34.59
CA PRO A 76 -3.72 12.44 35.84
C PRO A 76 -2.21 12.41 35.58
N ARG A 77 -1.43 13.16 36.36
CA ARG A 77 0.01 13.22 36.11
C ARG A 77 0.74 12.03 36.72
N THR A 78 0.40 10.85 36.22
CA THR A 78 0.92 9.59 36.72
C THR A 78 2.42 9.47 36.68
N ARG A 79 3.09 10.35 35.95
CA ARG A 79 4.53 10.21 35.75
C ARG A 79 5.34 11.25 36.54
N GLU A 80 4.70 12.35 36.92
CA GLU A 80 5.35 13.36 37.76
C GLU A 80 6.15 12.73 38.92
N ALA A 81 5.50 11.91 39.74
CA ALA A 81 6.14 11.30 40.91
C ALA A 81 7.41 10.52 40.58
N LEU A 82 7.39 9.76 39.49
CA LEU A 82 8.53 8.96 39.10
C LEU A 82 9.74 9.79 38.71
N VAL A 83 9.51 10.95 38.10
CA VAL A 83 10.60 11.84 37.71
C VAL A 83 11.17 12.52 38.93
N VAL A 84 10.29 13.07 39.75
CA VAL A 84 10.73 13.75 40.97
C VAL A 84 11.47 12.82 41.92
N ALA A 85 11.05 11.57 41.98
CA ALA A 85 11.67 10.59 42.86
C ALA A 85 13.16 10.41 42.55
N ARG A 86 13.55 10.68 41.32
CA ARG A 86 14.95 10.56 40.94
C ARG A 86 15.77 11.72 41.49
N GLY A 87 15.08 12.77 41.92
CA GLY A 87 15.70 13.91 42.57
C GLY A 87 16.73 14.65 41.74
N ASP A 88 16.62 14.55 40.42
CA ASP A 88 17.57 15.23 39.56
C ASP A 88 17.04 16.56 39.08
N VAL A 89 15.83 16.90 39.53
CA VAL A 89 15.21 18.13 39.07
C VAL A 89 14.77 19.03 40.24
N GLU A 90 14.48 20.28 39.93
CA GLU A 90 14.07 21.28 40.91
C GLU A 90 12.97 22.13 40.29
N GLU A 91 12.14 22.75 41.11
CA GLU A 91 11.17 23.69 40.59
C GLU A 91 11.86 24.92 40.01
N VAL A 92 11.27 25.51 38.98
CA VAL A 92 11.83 26.69 38.35
C VAL A 92 11.29 27.97 39.00
N ALA A 93 12.21 28.78 39.53
CA ALA A 93 11.85 29.99 40.26
C ALA A 93 10.70 30.73 39.61
N ASP A 94 10.95 31.29 38.43
CA ASP A 94 9.93 32.03 37.69
C ASP A 94 9.95 31.65 36.20
N PRO A 95 8.93 30.90 35.75
CA PRO A 95 8.82 30.41 34.38
C PRO A 95 8.29 31.46 33.41
N ARG A 96 8.43 31.21 32.11
CA ARG A 96 7.93 32.11 31.08
C ARG A 96 6.40 32.08 31.06
N GLN A 97 5.78 33.11 30.50
CA GLN A 97 4.33 33.23 30.51
C GLN A 97 3.73 33.28 29.12
N ALA A 112 -8.54 32.50 22.43
CA ALA A 112 -8.35 31.15 22.93
C ALA A 112 -8.21 31.17 24.44
N PRO A 113 -8.99 30.33 25.13
CA PRO A 113 -8.99 30.30 26.60
C PRO A 113 -7.65 29.86 27.15
N GLU A 114 -7.29 30.39 28.31
CA GLU A 114 -6.04 30.05 28.96
C GLU A 114 -6.25 28.82 29.85
N PHE A 115 -5.32 27.87 29.78
CA PHE A 115 -5.43 26.67 30.60
C PHE A 115 -5.01 26.97 32.02
N PRO A 116 -5.81 26.50 32.99
CA PRO A 116 -5.57 26.68 34.43
C PRO A 116 -4.42 25.82 34.93
N ASP A 117 -3.20 26.35 34.88
CA ASP A 117 -2.02 25.53 35.11
C ASP A 117 -1.48 25.72 36.52
N THR A 118 -2.36 26.09 37.43
CA THR A 118 -2.00 26.42 38.81
C THR A 118 -1.44 25.22 39.57
N GLY A 119 -2.05 24.06 39.35
CA GLY A 119 -1.73 22.87 40.12
C GLY A 119 -0.47 22.13 39.72
N ARG A 120 0.16 22.56 38.62
CA ARG A 120 1.36 21.89 38.15
C ARG A 120 2.63 22.68 38.41
N LYS A 121 3.60 22.03 39.05
CA LYS A 121 4.92 22.61 39.19
C LYS A 121 5.66 22.49 37.86
N ILE A 122 6.53 23.46 37.57
CA ILE A 122 7.36 23.39 36.37
C ILE A 122 8.81 23.13 36.74
N TYR A 123 9.38 22.07 36.16
CA TYR A 123 10.68 21.55 36.57
C TYR A 123 11.77 21.76 35.54
N ARG A 124 13.00 21.89 36.02
CA ARG A 124 14.18 21.92 35.18
C ARG A 124 15.26 21.15 35.92
N ALA A 125 16.15 20.49 35.20
CA ALA A 125 17.24 19.79 35.84
C ALA A 125 17.98 20.71 36.81
N LYS A 126 18.54 20.11 37.85
CA LYS A 126 19.44 20.81 38.75
C LYS A 126 20.75 20.98 38.04
N PRO A 127 21.44 22.10 38.31
CA PRO A 127 22.76 22.37 37.76
C PRO A 127 23.70 21.17 37.86
N GLY A 128 24.24 20.75 36.72
CA GLY A 128 25.25 19.71 36.67
C GLY A 128 24.73 18.29 36.79
N LYS A 129 23.42 18.12 36.79
CA LYS A 129 22.79 16.82 37.01
C LYS A 129 22.37 16.08 35.72
N LEU A 130 22.23 14.76 35.81
CA LEU A 130 21.72 13.94 34.70
C LEU A 130 20.19 13.89 34.69
N VAL A 131 19.59 13.89 33.51
CA VAL A 131 18.12 13.96 33.40
C VAL A 131 17.57 13.23 32.20
N THR A 132 18.35 13.14 31.14
CA THR A 132 17.86 12.55 29.91
C THR A 132 17.97 11.05 29.96
N GLN A 133 17.01 10.36 29.37
CA GLN A 133 17.06 8.91 29.23
C GLN A 133 18.43 8.42 28.71
N LEU A 134 19.02 9.15 27.77
CA LEU A 134 20.33 8.77 27.25
C LEU A 134 21.41 8.85 28.34
N GLU A 135 21.43 9.97 29.07
CA GLU A 135 22.37 10.14 30.17
C GLU A 135 22.31 9.00 31.19
N TYR A 136 21.12 8.65 31.65
CA TYR A 136 20.99 7.56 32.62
C TYR A 136 21.47 6.24 32.05
N ALA A 137 20.94 5.87 30.91
CA ALA A 137 21.28 4.59 30.33
C ALA A 137 22.80 4.43 30.22
N ARG A 138 23.50 5.51 29.94
CA ARG A 138 24.94 5.43 29.79
C ARG A 138 25.68 5.37 31.15
N ALA A 139 25.04 5.86 32.20
CA ALA A 139 25.56 5.70 33.55
C ALA A 139 25.15 4.34 34.17
N GLY A 140 24.57 3.48 33.34
CA GLY A 140 24.20 2.13 33.77
C GLY A 140 22.92 2.04 34.57
N ILE A 141 22.21 3.16 34.67
CA ILE A 141 20.95 3.18 35.39
C ILE A 141 19.75 2.82 34.51
N ILE A 142 18.82 2.05 35.08
CA ILE A 142 17.57 1.74 34.40
C ILE A 142 16.49 2.56 35.07
N THR A 143 15.64 3.21 34.27
CA THR A 143 14.65 4.13 34.81
C THR A 143 13.25 3.58 34.69
N ALA A 144 12.30 4.21 35.38
CA ALA A 144 10.90 3.83 35.28
C ALA A 144 10.43 3.74 33.83
N GLU A 145 10.74 4.76 33.04
CA GLU A 145 10.38 4.79 31.62
C GLU A 145 10.89 3.56 30.88
N GLU A 147 11.48 0.45 32.14
CA GLU A 147 10.71 -0.75 32.45
C GLU A 147 9.31 -0.64 31.86
N TYR A 148 8.72 0.54 31.94
CA TYR A 148 7.42 0.80 31.32
C TYR A 148 7.39 0.28 29.90
N VAL A 149 8.42 0.65 29.15
CA VAL A 149 8.47 0.37 27.73
C VAL A 149 8.70 -1.09 27.42
N ALA A 150 9.62 -1.74 28.13
CA ALA A 150 9.90 -3.15 27.91
C ALA A 150 8.65 -3.98 28.12
N ILE A 151 7.85 -3.61 29.12
CA ILE A 151 6.59 -4.28 29.37
C ILE A 151 5.65 -4.02 28.22
N ARG A 152 5.46 -2.75 27.89
CA ARG A 152 4.58 -2.33 26.81
C ARG A 152 4.88 -3.08 25.51
N GLU A 153 6.15 -3.24 25.19
CA GLU A 153 6.54 -3.88 23.94
C GLU A 153 6.38 -5.39 23.91
N ASN A 154 6.17 -6.01 25.07
CA ASN A 154 6.02 -7.46 25.12
C ASN A 154 4.59 -7.96 24.96
N LEU A 155 3.62 -7.05 25.03
CA LEU A 155 2.23 -7.41 24.78
C LEU A 155 1.75 -8.54 25.69
N ARG A 156 2.29 -8.58 26.90
CA ARG A 156 1.90 -9.56 27.89
C ARG A 156 2.17 -10.99 27.45
N ARG A 157 3.13 -11.17 26.54
CA ARG A 157 3.55 -12.52 26.18
C ARG A 157 4.29 -13.19 27.34
N GLU A 158 4.26 -14.52 27.36
CA GLU A 158 4.90 -15.29 28.42
C GLU A 158 6.33 -15.62 28.03
N GLN A 159 7.29 -15.05 28.76
CA GLN A 159 8.71 -15.22 28.46
C GLN A 159 9.15 -16.68 28.40
N ASP A 160 8.50 -17.53 29.19
CA ASP A 160 8.95 -18.92 29.31
C ASP A 160 8.75 -19.73 28.02
N ARG A 161 7.71 -19.42 27.26
CA ARG A 161 7.41 -20.16 26.04
C ARG A 161 8.24 -19.68 24.84
N PRO A 162 9.00 -20.61 24.22
CA PRO A 162 9.87 -20.32 23.08
C PRO A 162 9.09 -20.00 21.81
N CYS A 163 8.99 -18.70 21.50
CA CYS A 163 8.37 -18.27 20.26
C CYS A 163 9.33 -18.55 19.11
N VAL A 164 8.85 -19.23 18.07
CA VAL A 164 9.69 -19.61 16.93
C VAL A 164 9.63 -18.59 15.78
N ARG A 165 10.80 -18.19 15.27
CA ARG A 165 10.94 -16.97 14.45
C ARG A 165 10.85 -17.16 12.92
N ASP A 166 10.03 -16.33 12.28
CA ASP A 166 9.85 -16.39 10.83
C ASP A 166 9.76 -15.00 10.21
N GLY A 167 10.81 -14.60 9.49
CA GLY A 167 10.85 -13.30 8.87
C GLY A 167 12.24 -12.91 8.43
N GLU A 168 12.44 -11.61 8.20
CA GLU A 168 13.74 -11.11 7.74
C GLU A 168 13.96 -9.69 8.25
N ASP A 169 14.87 -9.51 9.20
CA ASP A 169 15.08 -8.20 9.81
C ASP A 169 16.33 -7.48 9.33
N PHE A 170 16.93 -7.99 8.26
CA PHE A 170 18.10 -7.38 7.67
C PHE A 170 19.18 -6.93 8.66
N GLY A 171 19.57 -7.84 9.55
CA GLY A 171 20.65 -7.55 10.48
C GLY A 171 20.20 -6.79 11.72
N ALA A 172 18.92 -6.87 12.04
CA ALA A 172 18.41 -6.26 13.25
C ALA A 172 18.74 -7.10 14.49
N SER A 173 18.47 -6.56 15.66
CA SER A 173 18.71 -7.27 16.90
C SER A 173 17.44 -7.35 17.71
N ILE A 174 16.43 -8.03 17.18
CA ILE A 174 15.18 -8.14 17.93
C ILE A 174 15.19 -9.34 18.87
N PRO A 175 14.97 -9.06 20.17
CA PRO A 175 14.92 -10.03 21.25
C PRO A 175 13.71 -10.93 21.09
N ASP A 176 13.80 -12.16 21.59
CA ASP A 176 12.62 -13.02 21.61
C ASP A 176 11.66 -12.47 22.64
N PHE A 177 12.18 -11.66 23.55
CA PHE A 177 11.42 -11.08 24.64
C PHE A 177 12.22 -9.88 25.13
N VAL A 178 11.55 -8.79 25.46
CA VAL A 178 12.24 -7.54 25.77
C VAL A 178 12.39 -7.28 27.26
N THR A 179 13.62 -7.11 27.72
CA THR A 179 13.88 -6.80 29.14
C THR A 179 14.27 -5.34 29.32
N PRO A 180 14.08 -4.78 30.52
CA PRO A 180 14.46 -3.37 30.70
C PRO A 180 15.92 -3.13 30.38
N GLU A 181 16.78 -4.07 30.76
CA GLU A 181 18.21 -3.95 30.49
C GLU A 181 18.50 -3.80 28.99
N PHE A 182 17.78 -4.53 28.15
CA PHE A 182 17.96 -4.40 26.70
C PHE A 182 17.53 -3.01 26.20
N VAL A 183 16.53 -2.43 26.84
CA VAL A 183 16.12 -1.08 26.56
C VAL A 183 17.21 -0.09 26.94
N ARG A 184 17.87 -0.31 28.07
CA ARG A 184 18.97 0.57 28.48
C ARG A 184 20.11 0.51 27.45
N GLN A 185 20.46 -0.70 27.03
CA GLN A 185 21.51 -0.88 26.04
C GLN A 185 21.19 -0.10 24.77
N GLU A 186 19.99 -0.29 24.24
CA GLU A 186 19.62 0.36 22.99
C GLU A 186 19.67 1.87 23.09
N ILE A 187 19.13 2.43 24.17
CA ILE A 187 19.21 3.86 24.36
C ILE A 187 20.66 4.31 24.54
N ALA A 188 21.49 3.44 25.10
CA ALA A 188 22.88 3.80 25.36
C ALA A 188 23.66 4.02 24.07
N ARG A 189 23.45 3.14 23.11
CA ARG A 189 24.17 3.22 21.84
C ARG A 189 23.45 4.12 20.84
N GLY A 190 22.42 4.81 21.34
CA GLY A 190 21.64 5.75 20.55
C GLY A 190 20.79 5.10 19.48
N ARG A 191 20.55 3.81 19.61
CA ARG A 191 19.79 3.06 18.63
C ARG A 191 18.31 2.94 19.03
N ALA A 192 17.91 3.75 20.00
CA ALA A 192 16.51 3.83 20.39
C ALA A 192 16.32 5.07 21.27
N ILE A 193 15.10 5.59 21.32
CA ILE A 193 14.83 6.72 22.18
C ILE A 193 13.49 6.61 22.87
N ILE A 194 13.40 7.28 24.01
CA ILE A 194 12.18 7.38 24.78
C ILE A 194 11.90 8.85 25.00
N PRO A 195 11.12 9.45 24.10
CA PRO A 195 10.81 10.87 24.16
C PRO A 195 10.02 11.17 25.43
N ALA A 196 10.60 11.92 26.35
CA ALA A 196 9.97 12.11 27.65
C ALA A 196 10.40 13.38 28.36
N ASN A 197 9.90 14.52 27.91
CA ASN A 197 10.13 15.78 28.60
C ASN A 197 9.65 15.65 30.05
N ILE A 198 10.50 16.06 30.99
CA ILE A 198 10.16 15.96 32.41
C ILE A 198 8.89 16.74 32.76
N ASN A 199 8.57 17.75 31.97
CA ASN A 199 7.38 18.57 32.22
C ASN A 199 6.12 18.02 31.59
N HIS A 200 6.24 16.84 31.00
CA HIS A 200 5.09 16.12 30.47
C HIS A 200 4.73 14.93 31.36
N GLY A 201 4.17 15.22 32.53
CA GLY A 201 3.85 14.17 33.49
C GLY A 201 2.68 13.29 33.13
N GLU A 202 1.93 13.68 32.10
CA GLU A 202 0.73 12.94 31.71
C GLU A 202 1.09 11.77 30.81
N LEU A 203 2.35 11.74 30.38
CA LEU A 203 2.80 10.82 29.35
C LEU A 203 2.78 9.35 29.73
N GLU A 204 2.26 8.52 28.83
CA GLU A 204 2.49 7.09 28.89
C GLU A 204 3.66 6.76 27.97
N PRO A 205 4.85 6.60 28.55
CA PRO A 205 6.09 6.43 27.77
C PRO A 205 5.98 5.36 26.69
N ALA A 207 8.51 3.57 23.27
CA ALA A 207 9.87 3.51 22.71
C ALA A 207 9.86 3.58 21.19
N ILE A 208 10.80 4.34 20.63
CA ILE A 208 11.04 4.38 19.19
C ILE A 208 12.38 3.76 18.86
N GLY A 209 12.40 2.82 17.94
CA GLY A 209 13.65 2.21 17.54
C GLY A 209 13.47 0.99 16.65
N ARG A 210 14.46 0.75 15.80
CA ARG A 210 14.43 -0.35 14.85
C ARG A 210 14.18 -1.69 15.50
N ASN A 211 14.65 -1.85 16.73
CA ASN A 211 14.56 -3.13 17.45
C ASN A 211 13.26 -3.29 18.25
N PHE A 212 12.31 -2.41 17.97
CA PHE A 212 11.01 -2.47 18.59
C PHE A 212 9.89 -2.48 17.55
N LEU A 213 8.66 -2.37 18.01
CA LEU A 213 7.52 -2.27 17.12
C LEU A 213 7.54 -0.93 16.43
N VAL A 214 7.30 -0.94 15.13
CA VAL A 214 7.23 0.27 14.33
C VAL A 214 6.10 1.17 14.80
N LYS A 215 6.44 2.40 15.18
CA LYS A 215 5.44 3.36 15.63
C LYS A 215 4.99 4.29 14.51
N ILE A 216 3.86 4.97 14.72
CA ILE A 216 3.37 5.94 13.75
C ILE A 216 3.01 7.25 14.44
N ASN A 217 3.19 8.35 13.73
CA ASN A 217 2.87 9.66 14.26
C ASN A 217 1.75 10.29 13.45
N ALA A 218 0.88 11.03 14.12
CA ALA A 218 -0.18 11.78 13.44
C ALA A 218 -0.05 13.26 13.73
N ASN A 219 -0.35 14.09 12.74
CA ASN A 219 -0.27 15.54 12.90
C ASN A 219 -1.56 16.19 13.37
N ILE A 220 -1.43 17.33 14.04
CA ILE A 220 -2.57 18.15 14.43
C ILE A 220 -2.26 19.60 14.07
N GLY A 221 -3.29 20.40 13.86
CA GLY A 221 -3.12 21.84 13.87
C GLY A 221 -3.60 22.61 12.66
N ASN A 222 -3.93 23.87 12.89
CA ASN A 222 -4.28 24.80 11.82
C ASN A 222 -3.40 26.06 11.85
N THR A 228 -12.27 25.53 18.34
CA THR A 228 -12.17 25.75 19.79
C THR A 228 -11.32 24.71 20.54
N VAL A 229 -11.19 24.89 21.85
CA VAL A 229 -10.33 24.02 22.66
C VAL A 229 -10.77 22.56 22.70
N ALA A 230 -12.01 22.32 23.08
CA ALA A 230 -12.53 20.97 23.10
C ALA A 230 -12.33 20.30 21.75
N ASP A 231 -12.50 21.08 20.69
CA ASP A 231 -12.37 20.59 19.32
C ASP A 231 -10.94 20.18 19.01
N GLU A 232 -10.00 20.92 19.58
CA GLU A 232 -8.58 20.67 19.39
C GLU A 232 -8.12 19.41 20.11
N VAL A 233 -8.42 19.33 21.40
CA VAL A 233 -8.07 18.14 22.17
C VAL A 233 -8.69 16.90 21.54
N ASP A 234 -9.91 17.07 21.02
CA ASP A 234 -10.61 15.95 20.42
C ASP A 234 -9.91 15.38 19.18
N LYS A 235 -9.19 16.22 18.46
CA LYS A 235 -8.48 15.75 17.28
C LYS A 235 -7.31 14.88 17.71
N LEU A 236 -6.81 15.15 18.91
CA LEU A 236 -5.76 14.33 19.48
C LEU A 236 -6.31 13.03 20.04
N VAL A 237 -7.44 13.11 20.72
CA VAL A 237 -8.09 11.92 21.24
C VAL A 237 -8.39 10.98 20.08
N TRP A 238 -8.79 11.56 18.97
CA TRP A 238 -9.23 10.79 17.82
C TRP A 238 -8.07 10.05 17.13
N ALA A 239 -6.99 10.78 16.87
CA ALA A 239 -5.81 10.18 16.24
C ALA A 239 -5.25 9.06 17.10
N THR A 240 -5.23 9.27 18.41
CA THR A 240 -4.68 8.26 19.32
C THR A 240 -5.62 7.09 19.58
N ARG A 241 -6.91 7.31 19.39
CA ARG A 241 -7.90 6.25 19.52
C ARG A 241 -7.70 5.15 18.51
N TRP A 242 -7.21 5.52 17.33
CA TRP A 242 -7.10 4.55 16.25
C TRP A 242 -5.72 3.93 16.08
N GLY A 243 -4.76 4.39 16.88
CA GLY A 243 -3.42 3.83 16.86
C GLY A 243 -2.22 4.79 16.84
N ALA A 244 -2.46 6.10 16.79
CA ALA A 244 -1.33 7.03 16.72
C ALA A 244 -0.47 6.98 17.98
N ASP A 245 0.80 6.66 17.80
CA ASP A 245 1.75 6.50 18.88
C ASP A 245 2.27 7.83 19.42
N THR A 246 2.41 8.80 18.53
CA THR A 246 2.75 10.17 18.90
C THR A 246 2.02 11.17 18.00
N VAL A 247 2.07 12.43 18.40
CA VAL A 247 1.36 13.47 17.69
C VAL A 247 2.17 14.76 17.60
N ASP A 249 2.08 18.80 16.92
CA ASP A 249 1.34 20.03 16.80
C ASP A 249 2.00 20.88 15.72
N LEU A 250 1.38 20.92 14.54
CA LEU A 250 1.94 21.64 13.41
C LEU A 250 1.23 22.96 13.19
N SER A 251 0.63 23.47 14.26
CA SER A 251 -0.13 24.71 14.21
C SER A 251 0.73 25.94 13.89
N THR A 252 0.22 26.78 13.00
CA THR A 252 0.82 28.06 12.68
C THR A 252 -0.20 29.13 13.03
N GLY A 253 0.23 30.38 13.15
CA GLY A 253 -0.71 31.43 13.46
C GLY A 253 -0.68 31.89 14.90
N ARG A 254 -1.76 32.51 15.35
CA ARG A 254 -1.82 33.04 16.70
C ARG A 254 -2.38 32.06 17.72
N ASN A 255 -2.09 32.32 18.99
CA ASN A 255 -2.59 31.47 20.07
C ASN A 255 -1.95 30.10 20.11
N ILE A 256 -1.00 29.83 19.24
CA ILE A 256 -0.50 28.45 19.12
C ILE A 256 0.13 27.91 20.41
N HIS A 257 0.64 28.81 21.25
CA HIS A 257 1.21 28.39 22.53
C HIS A 257 0.10 28.07 23.52
N ASN A 258 -0.86 28.98 23.64
CA ASN A 258 -1.99 28.76 24.55
C ASN A 258 -2.81 27.53 24.20
N ILE A 259 -2.98 27.25 22.92
CA ILE A 259 -3.75 26.09 22.51
C ILE A 259 -2.96 24.82 22.78
N ARG A 260 -1.64 24.86 22.57
CA ARG A 260 -0.82 23.69 22.85
C ARG A 260 -0.84 23.28 24.33
N ASP A 261 -1.15 24.24 25.20
CA ASP A 261 -1.37 23.94 26.62
C ASP A 261 -2.41 22.85 26.81
N TRP A 262 -3.61 23.07 26.24
CA TRP A 262 -4.68 22.10 26.36
C TRP A 262 -4.31 20.78 25.70
N ILE A 263 -3.58 20.83 24.60
CA ILE A 263 -3.17 19.59 23.94
C ILE A 263 -2.20 18.74 24.77
N ILE A 264 -1.11 19.32 25.24
CA ILE A 264 -0.13 18.58 26.05
C ILE A 264 -0.66 18.15 27.41
N ARG A 265 -1.39 19.03 28.10
CA ARG A 265 -1.98 18.64 29.38
C ARG A 265 -2.94 17.46 29.25
N ASN A 266 -3.49 17.25 28.05
CA ASN A 266 -4.48 16.20 27.84
C ASN A 266 -3.99 15.05 26.96
N SER A 267 -2.70 15.03 26.68
CA SER A 267 -2.16 13.93 25.89
C SER A 267 -1.40 12.92 26.73
N SER A 268 -1.57 11.66 26.38
CA SER A 268 -0.81 10.60 27.02
C SER A 268 0.25 10.07 26.05
N VAL A 269 0.21 10.53 24.80
CA VAL A 269 1.27 10.25 23.85
C VAL A 269 2.26 11.39 23.82
N PRO A 270 3.49 11.12 23.38
CA PRO A 270 4.49 12.18 23.29
C PRO A 270 4.07 13.24 22.28
N ILE A 271 4.23 14.50 22.63
CA ILE A 271 3.92 15.59 21.72
C ILE A 271 5.20 16.16 21.11
N GLY A 272 5.18 16.43 19.81
CA GLY A 272 6.33 17.03 19.14
C GLY A 272 5.94 18.34 18.47
N THR A 273 6.92 19.17 18.16
CA THR A 273 6.66 20.39 17.40
C THR A 273 7.80 20.73 16.47
N VAL A 274 7.62 21.80 15.70
CA VAL A 274 8.71 22.42 14.97
C VAL A 274 8.79 23.80 15.59
N PRO A 275 9.75 24.03 16.48
CA PRO A 275 9.77 25.31 17.19
C PRO A 275 9.98 26.47 16.23
N ILE A 276 10.51 26.21 15.03
CA ILE A 276 10.65 27.26 14.02
C ILE A 276 9.32 27.96 13.71
N TYR A 277 8.22 27.20 13.66
CA TYR A 277 6.89 27.79 13.37
C TYR A 277 6.48 28.83 14.39
N GLN A 278 6.68 28.52 15.67
CA GLN A 278 6.31 29.46 16.71
C GLN A 278 7.22 30.69 16.76
N ALA A 279 8.51 30.49 16.53
CA ALA A 279 9.44 31.60 16.49
C ALA A 279 9.09 32.52 15.32
N LEU A 280 8.59 31.92 14.24
CA LEU A 280 8.21 32.67 13.05
C LEU A 280 7.03 33.62 13.27
N GLU A 281 6.15 33.27 14.20
CA GLU A 281 5.01 34.14 14.50
C GLU A 281 5.38 35.26 15.45
N LYS A 282 6.41 35.05 16.24
CA LYS A 282 6.88 36.07 17.17
C LYS A 282 7.45 37.25 16.40
N VAL A 283 7.78 37.02 15.13
CA VAL A 283 8.26 38.06 14.23
C VAL A 283 7.32 38.24 13.02
N ASN A 284 6.02 38.16 13.29
CA ASN A 284 4.98 38.44 12.30
C ASN A 284 5.18 37.83 10.92
N GLY A 285 5.77 36.64 10.86
CA GLY A 285 5.78 35.86 9.64
C GLY A 285 6.89 36.16 8.65
N VAL A 286 7.87 36.95 9.05
CA VAL A 286 8.94 37.34 8.15
C VAL A 286 10.22 36.57 8.42
N ALA A 287 10.53 35.62 7.54
CA ALA A 287 11.70 34.75 7.74
C ALA A 287 12.99 35.53 7.98
N GLU A 288 13.13 36.65 7.29
CA GLU A 288 14.28 37.54 7.44
C GLU A 288 14.53 37.91 8.90
N ASP A 289 13.46 38.05 9.67
CA ASP A 289 13.52 38.62 11.01
C ASP A 289 13.77 37.60 12.12
N LEU A 290 13.88 36.32 11.76
CA LEU A 290 14.29 35.31 12.73
C LEU A 290 15.70 35.61 13.19
N ASN A 291 16.03 35.11 14.37
CA ASN A 291 17.36 35.28 14.95
C ASN A 291 17.47 34.37 16.16
N TRP A 292 18.64 34.31 16.78
CA TRP A 292 18.84 33.38 17.87
C TRP A 292 17.95 33.66 19.10
N GLU A 293 17.69 34.92 19.38
CA GLU A 293 16.92 35.27 20.58
C GLU A 293 15.48 34.76 20.57
N VAL A 294 14.65 35.17 19.61
CA VAL A 294 13.27 34.68 19.59
C VAL A 294 13.24 33.16 19.51
N PHE A 295 14.24 32.57 18.86
CA PHE A 295 14.31 31.12 18.80
C PHE A 295 14.62 30.50 20.17
N ARG A 296 15.62 31.04 20.86
CA ARG A 296 15.95 30.54 22.20
C ARG A 296 14.74 30.62 23.12
N ASP A 297 14.05 31.75 23.11
CA ASP A 297 12.87 31.93 23.96
C ASP A 297 11.78 30.91 23.65
N THR A 298 11.57 30.61 22.37
CA THR A 298 10.54 29.66 21.99
C THR A 298 10.90 28.26 22.47
N LEU A 299 12.17 27.88 22.35
CA LEU A 299 12.66 26.61 22.90
C LEU A 299 12.30 26.48 24.37
N ILE A 300 12.66 27.48 25.15
CA ILE A 300 12.42 27.45 26.60
C ILE A 300 10.94 27.39 26.96
N GLU A 301 10.10 28.18 26.28
CA GLU A 301 8.67 28.10 26.50
C GLU A 301 8.17 26.67 26.31
N GLN A 302 8.49 26.10 25.16
CA GLN A 302 8.03 24.77 24.83
C GLN A 302 8.59 23.71 25.78
N CYS A 303 9.85 23.86 26.17
CA CYS A 303 10.47 22.94 27.12
C CYS A 303 9.76 22.93 28.48
N GLU A 304 9.34 24.09 28.94
CA GLU A 304 8.65 24.19 30.21
C GLU A 304 7.21 23.74 30.07
N GLN A 305 6.68 23.87 28.85
CA GLN A 305 5.31 23.51 28.54
C GLN A 305 5.15 22.00 28.45
N GLY A 306 6.17 21.32 27.96
CA GLY A 306 6.15 19.86 27.98
C GLY A 306 6.42 19.16 26.67
N VAL A 307 6.78 19.90 25.64
CA VAL A 307 7.02 19.27 24.34
C VAL A 307 8.05 18.19 24.52
N ASP A 308 7.79 17.00 23.99
CA ASP A 308 8.67 15.86 24.16
C ASP A 308 9.80 15.75 23.14
N TYR A 309 9.61 16.35 21.97
CA TYR A 309 10.67 16.35 20.96
C TYR A 309 10.52 17.51 19.98
N PHE A 310 11.65 18.00 19.47
CA PHE A 310 11.68 19.12 18.53
C PHE A 310 12.17 18.68 17.18
N THR A 311 11.48 19.11 16.14
CA THR A 311 12.03 18.99 14.80
C THR A 311 12.82 20.25 14.51
N ILE A 312 14.11 20.08 14.24
CA ILE A 312 15.02 21.18 13.97
C ILE A 312 15.78 20.96 12.66
N HIS A 313 15.55 21.81 11.68
CA HIS A 313 16.19 21.64 10.38
C HIS A 313 17.59 22.22 10.39
N ALA A 314 18.44 21.68 11.28
CA ALA A 314 19.79 22.17 11.46
C ALA A 314 20.70 21.69 10.32
N GLY A 315 20.16 20.84 9.46
CA GLY A 315 20.95 20.29 8.38
C GLY A 315 20.82 21.06 7.07
N VAL A 316 19.94 22.06 7.04
CA VAL A 316 19.77 22.86 5.84
C VAL A 316 20.83 23.93 5.81
N ARG A 317 21.97 23.60 5.19
CA ARG A 317 23.13 24.48 5.16
C ARG A 317 23.22 25.31 3.88
N LEU A 318 23.78 26.50 4.02
CA LEU A 318 24.06 27.40 2.90
C LEU A 318 24.50 26.67 1.63
N PRO A 319 25.64 25.95 1.67
CA PRO A 319 26.11 25.29 0.44
C PRO A 319 25.15 24.26 -0.15
N PHE A 320 24.14 23.82 0.60
CA PHE A 320 23.22 22.80 0.10
C PHE A 320 22.09 23.38 -0.76
N ILE A 321 21.63 24.58 -0.40
CA ILE A 321 20.55 25.24 -1.13
C ILE A 321 20.73 25.31 -2.65
N PRO A 322 21.90 25.76 -3.11
CA PRO A 322 22.14 25.75 -4.55
C PRO A 322 21.91 24.38 -5.20
N THR A 324 19.56 22.42 -4.86
CA THR A 324 18.15 22.12 -5.03
C THR A 324 17.57 22.84 -6.25
N ALA A 325 18.43 23.52 -7.00
CA ALA A 325 17.99 24.27 -8.16
C ALA A 325 17.66 23.36 -9.34
N LYS A 326 18.41 22.29 -9.50
CA LYS A 326 18.19 21.36 -10.62
C LYS A 326 17.09 20.33 -10.33
N ARG A 327 16.38 20.49 -9.22
CA ARG A 327 15.30 19.59 -8.88
C ARG A 327 14.03 19.90 -9.65
N VAL A 328 13.11 18.94 -9.64
CA VAL A 328 11.83 19.11 -10.29
C VAL A 328 10.86 19.88 -9.40
N THR A 329 10.91 19.62 -8.10
CA THR A 329 9.97 20.23 -7.17
C THR A 329 10.62 21.15 -6.13
N GLY A 330 11.95 21.22 -6.15
CA GLY A 330 12.69 22.09 -5.24
C GLY A 330 12.59 21.72 -3.77
N ILE A 331 12.52 22.74 -2.91
CA ILE A 331 12.41 22.52 -1.47
C ILE A 331 10.94 22.46 -1.04
N VAL A 332 10.54 21.36 -0.42
CA VAL A 332 9.13 21.19 -0.07
C VAL A 332 8.87 21.11 1.42
N SER A 333 9.94 21.17 2.20
CA SER A 333 9.79 21.25 3.65
C SER A 333 9.40 22.66 4.05
N ARG A 334 8.38 22.81 4.88
CA ARG A 334 8.01 24.13 5.34
C ARG A 334 9.11 24.71 6.22
N GLY A 335 9.74 23.87 7.03
CA GLY A 335 10.87 24.29 7.85
C GLY A 335 12.13 24.54 7.03
N GLY A 336 12.37 23.70 6.03
CA GLY A 336 13.47 23.91 5.11
C GLY A 336 13.35 25.21 4.34
N SER A 337 12.14 25.51 3.84
CA SER A 337 11.88 26.76 3.15
C SER A 337 12.19 27.97 4.01
N ILE A 338 11.74 27.93 5.26
CA ILE A 338 11.95 29.05 6.19
C ILE A 338 13.43 29.30 6.40
N ALA A 340 16.01 28.37 4.35
CA ALA A 340 16.61 28.85 3.11
C ALA A 340 16.32 30.33 2.95
N LYS A 341 15.08 30.73 3.16
CA LYS A 341 14.71 32.14 3.10
C LYS A 341 15.62 32.98 3.97
N TRP A 342 15.93 32.48 5.15
CA TRP A 342 16.78 33.21 6.08
C TRP A 342 18.25 33.23 5.65
N CYS A 343 18.75 32.09 5.18
CA CYS A 343 20.14 32.01 4.77
C CYS A 343 20.46 32.91 3.56
N LEU A 344 19.56 32.94 2.58
CA LEU A 344 19.79 33.70 1.35
C LEU A 344 19.64 35.21 1.53
N ALA A 345 18.87 35.62 2.53
CA ALA A 345 18.68 37.04 2.81
C ALA A 345 19.82 37.64 3.62
N HIS A 346 20.46 36.81 4.43
CA HIS A 346 21.50 37.28 5.35
C HIS A 346 22.86 36.83 4.85
N HIS A 347 22.84 35.89 3.91
CA HIS A 347 24.04 35.21 3.46
C HIS A 347 24.92 34.69 4.60
N LYS A 348 24.30 34.46 5.75
CA LYS A 348 24.95 33.82 6.89
C LYS A 348 24.65 32.33 6.81
N GLU A 349 25.40 31.52 7.54
CA GLU A 349 25.11 30.10 7.65
C GLU A 349 23.88 29.91 8.54
N ASN A 350 23.12 28.85 8.27
CA ASN A 350 21.98 28.46 9.09
C ASN A 350 22.30 28.56 10.58
N PHE A 351 21.62 29.46 11.29
CA PHE A 351 21.96 29.73 12.69
C PHE A 351 21.56 28.59 13.63
N LEU A 352 20.76 27.67 13.14
CA LEU A 352 20.44 26.46 13.89
C LEU A 352 21.63 25.51 13.91
N TYR A 353 22.41 25.53 12.84
CA TYR A 353 23.61 24.72 12.76
C TYR A 353 24.78 25.40 13.50
N GLU A 354 24.77 26.73 13.50
CA GLU A 354 25.81 27.50 14.17
C GLU A 354 25.65 27.44 15.68
N ARG A 355 24.41 27.62 16.14
CA ARG A 355 24.13 27.59 17.58
C ARG A 355 23.73 26.20 18.08
N PHE A 356 24.04 25.17 17.31
CA PHE A 356 23.62 23.81 17.68
C PHE A 356 23.95 23.42 19.11
N ASP A 357 25.15 23.73 19.56
CA ASP A 357 25.59 23.37 20.90
C ASP A 357 24.72 24.01 21.97
N GLU A 358 24.40 25.27 21.80
CA GLU A 358 23.62 25.99 22.80
C GLU A 358 22.17 25.50 22.76
N ILE A 359 21.80 24.85 21.66
CA ILE A 359 20.47 24.27 21.54
C ILE A 359 20.40 22.98 22.36
N CYS A 360 21.46 22.19 22.28
CA CYS A 360 21.56 20.96 23.06
C CYS A 360 21.59 21.23 24.55
N GLU A 361 22.23 22.32 24.96
CA GLU A 361 22.35 22.65 26.38
C GLU A 361 21.00 22.98 27.00
N ILE A 362 20.10 23.54 26.20
CA ILE A 362 18.75 23.84 26.66
C ILE A 362 17.91 22.56 26.72
N ARG A 364 18.74 19.38 26.93
CA ARG A 364 19.14 18.36 27.86
C ARG A 364 18.73 18.70 29.30
N ALA A 365 18.33 19.95 29.52
CA ALA A 365 17.89 20.38 30.84
C ALA A 365 16.44 20.02 31.10
N TYR A 366 15.84 19.27 30.19
CA TYR A 366 14.41 18.98 30.24
C TYR A 366 14.15 17.59 29.70
N ASP A 367 15.16 17.07 28.98
CA ASP A 367 15.06 15.77 28.32
C ASP A 367 14.13 15.83 27.11
N VAL A 368 14.28 16.88 26.31
CA VAL A 368 13.60 16.94 25.01
C VAL A 368 14.44 16.20 23.99
N SER A 369 13.80 15.52 23.05
CA SER A 369 14.52 14.74 22.07
C SER A 369 14.62 15.45 20.74
N PHE A 370 15.61 15.08 19.95
CA PHE A 370 15.82 15.65 18.63
C PHE A 370 15.10 14.87 17.58
N SER A 371 14.42 15.60 16.71
CA SER A 371 14.04 15.07 15.42
C SER A 371 14.81 15.93 14.42
N LEU A 372 15.99 15.47 14.05
CA LEU A 372 16.80 16.20 13.08
C LEU A 372 16.11 16.18 11.73
N GLY A 373 15.52 17.31 11.36
CA GLY A 373 14.68 17.39 10.19
C GLY A 373 15.41 17.40 8.86
N ASP A 374 14.70 16.97 7.83
CA ASP A 374 15.23 16.94 6.47
C ASP A 374 14.54 17.99 5.60
N GLY A 375 14.95 19.25 5.76
CA GLY A 375 14.44 20.33 4.95
C GLY A 375 14.65 20.08 3.46
N LEU A 376 15.58 19.20 3.13
CA LEU A 376 15.87 18.88 1.74
C LEU A 376 15.25 17.58 1.26
N ARG A 377 14.10 17.20 1.81
CA ARG A 377 13.43 15.99 1.33
C ARG A 377 12.84 16.19 -0.06
N PRO A 378 12.87 15.12 -0.86
CA PRO A 378 12.36 15.06 -2.22
C PRO A 378 10.84 15.16 -2.28
N GLY A 379 10.31 16.07 -3.10
CA GLY A 379 8.88 16.26 -3.24
C GLY A 379 8.38 15.73 -4.58
N SER A 380 9.23 14.95 -5.23
CA SER A 380 8.86 14.25 -6.47
C SER A 380 9.83 13.09 -6.61
N THR A 381 9.35 11.97 -7.15
CA THR A 381 10.20 10.78 -7.26
C THR A 381 11.44 11.05 -8.08
N ALA A 382 11.37 12.03 -8.97
CA ALA A 382 12.53 12.39 -9.76
C ALA A 382 13.70 12.84 -8.87
N ASP A 383 13.38 13.47 -7.75
CA ASP A 383 14.40 14.11 -6.91
C ASP A 383 14.95 13.21 -5.80
N ALA A 384 14.45 11.99 -5.71
CA ALA A 384 14.90 11.10 -4.65
C ALA A 384 16.39 10.75 -4.74
N ASN A 385 17.02 10.62 -3.57
CA ASN A 385 18.40 10.17 -3.44
C ASN A 385 19.41 11.04 -4.17
N ASP A 386 19.06 12.30 -4.40
CA ASP A 386 19.98 13.23 -5.04
C ASP A 386 21.04 13.78 -4.07
N GLU A 387 22.02 14.46 -4.63
CA GLU A 387 23.14 15.01 -3.86
C GLU A 387 22.68 15.79 -2.63
N ALA A 388 21.65 16.61 -2.79
CA ALA A 388 21.18 17.50 -1.73
C ALA A 388 20.64 16.77 -0.51
N GLN A 389 19.78 15.80 -0.74
CA GLN A 389 19.21 15.02 0.35
C GLN A 389 20.29 14.24 1.09
N PHE A 390 21.26 13.75 0.34
CA PHE A 390 22.32 12.94 0.90
C PHE A 390 23.39 13.78 1.60
N SER A 391 23.51 15.03 1.18
CA SER A 391 24.43 15.96 1.83
C SER A 391 23.88 16.38 3.16
N GLU A 392 22.58 16.62 3.22
CA GLU A 392 21.96 16.93 4.50
C GLU A 392 22.00 15.71 5.42
N LEU A 393 21.89 14.52 4.84
CA LEU A 393 21.89 13.29 5.62
C LEU A 393 23.23 13.09 6.33
N ARG A 394 24.32 13.30 5.60
CA ARG A 394 25.65 13.23 6.20
C ARG A 394 25.84 14.28 7.29
N THR A 395 25.25 15.44 7.09
CA THR A 395 25.37 16.52 8.07
C THR A 395 24.54 16.22 9.30
N LEU A 396 23.41 15.56 9.11
CA LEU A 396 22.59 15.10 10.22
C LEU A 396 23.35 14.05 11.03
N GLY A 397 24.08 13.20 10.32
CA GLY A 397 24.95 12.22 10.95
C GLY A 397 26.01 12.83 11.86
N GLU A 398 26.69 13.86 11.37
CA GLU A 398 27.68 14.55 12.20
C GLU A 398 26.97 15.19 13.38
N LEU A 399 25.87 15.85 13.11
CA LEU A 399 25.10 16.52 14.16
C LEU A 399 24.64 15.57 15.26
N THR A 400 24.27 14.35 14.87
CA THR A 400 23.86 13.33 15.81
C THR A 400 24.96 13.11 16.83
N LYS A 401 26.16 12.81 16.34
CA LYS A 401 27.32 12.59 17.20
C LYS A 401 27.54 13.71 18.22
N VAL A 402 27.42 14.96 17.78
CA VAL A 402 27.51 16.10 18.66
C VAL A 402 26.40 16.09 19.72
N ALA A 403 25.19 15.78 19.30
CA ALA A 403 24.04 15.74 20.20
C ALA A 403 24.25 14.70 21.29
N TRP A 404 24.80 13.55 20.93
CA TRP A 404 25.06 12.48 21.90
C TRP A 404 26.07 12.92 22.98
N LYS A 405 27.14 13.63 22.58
CA LYS A 405 28.11 14.15 23.53
C LYS A 405 27.45 15.00 24.61
N HIS A 406 26.46 15.80 24.24
CA HIS A 406 25.70 16.58 25.21
C HIS A 406 24.66 15.73 25.95
N GLY A 407 24.56 14.46 25.57
CA GLY A 407 23.61 13.56 26.19
C GLY A 407 22.17 13.87 25.84
N VAL A 408 21.91 14.08 24.56
CA VAL A 408 20.56 14.33 24.10
C VAL A 408 20.11 13.26 23.11
N GLN A 409 18.87 12.80 23.24
CA GLN A 409 18.31 11.75 22.39
C GLN A 409 17.98 12.24 20.98
N VAL A 410 18.29 11.41 19.99
CA VAL A 410 18.23 11.83 18.60
C VAL A 410 17.51 10.84 17.70
N ILE A 412 16.32 10.81 13.25
CA ILE A 412 16.58 11.44 11.98
C ILE A 412 15.36 11.36 11.06
N GLU A 413 15.04 12.46 10.39
CA GLU A 413 13.93 12.48 9.43
C GLU A 413 14.35 12.10 8.03
N GLY A 414 13.47 11.43 7.31
CA GLY A 414 13.76 10.98 5.96
C GLY A 414 12.66 11.27 4.96
N PRO A 415 12.75 10.67 3.78
CA PRO A 415 11.88 10.89 2.63
C PRO A 415 10.42 10.66 3.01
N GLY A 416 9.47 11.23 2.26
CA GLY A 416 9.76 11.91 1.01
C GLY A 416 9.12 11.13 -0.11
N HIS A 417 9.38 11.52 -1.35
CA HIS A 417 8.91 10.76 -2.49
C HIS A 417 10.06 9.92 -3.04
N VAL A 418 9.89 8.62 -3.07
CA VAL A 418 10.95 7.72 -3.50
C VAL A 418 10.34 6.52 -4.19
N ALA A 419 10.79 6.25 -5.41
CA ALA A 419 10.30 5.08 -6.12
C ALA A 419 10.86 3.86 -5.43
N HIS A 421 12.43 1.26 -5.94
CA HIS A 421 13.76 0.72 -6.18
C HIS A 421 14.87 1.54 -5.52
N LYS A 422 14.56 2.78 -5.14
CA LYS A 422 15.52 3.60 -4.41
C LYS A 422 15.31 3.59 -2.89
N ILE A 423 14.37 2.78 -2.41
CA ILE A 423 14.02 2.83 -1.01
C ILE A 423 15.04 2.16 -0.09
N LYS A 424 15.53 0.99 -0.47
CA LYS A 424 16.57 0.33 0.30
C LYS A 424 17.83 1.18 0.39
N ALA A 425 18.26 1.74 -0.73
CA ALA A 425 19.44 2.61 -0.76
C ALA A 425 19.39 3.71 0.31
N ASN A 426 18.21 4.32 0.43
CA ASN A 426 17.98 5.39 1.38
C ASN A 426 18.16 4.89 2.82
N ASP A 428 20.10 2.18 3.67
CA ASP A 428 21.51 1.82 3.84
C ASP A 428 22.37 3.06 4.05
N GLU A 429 22.06 4.15 3.36
CA GLU A 429 22.78 5.39 3.59
C GLU A 429 22.59 5.87 5.02
N GLN A 430 21.36 5.78 5.51
CA GLN A 430 21.02 6.30 6.83
C GLN A 430 21.67 5.51 7.98
N LEU A 431 21.62 4.19 7.90
CA LEU A 431 22.29 3.35 8.90
C LEU A 431 23.81 3.62 8.94
N LYS A 432 24.40 3.90 7.79
CA LYS A 432 25.83 4.17 7.70
C LYS A 432 26.20 5.55 8.26
N HIS A 433 25.69 6.61 7.64
CA HIS A 433 26.12 7.96 8.03
C HIS A 433 25.45 8.53 9.27
N CYS A 434 24.41 7.87 9.78
CA CYS A 434 23.71 8.37 10.97
C CYS A 434 23.89 7.46 12.19
N HIS A 435 24.81 6.50 12.08
CA HIS A 435 25.24 5.71 13.22
C HIS A 435 24.10 4.95 13.87
N GLU A 436 23.13 4.55 13.05
CA GLU A 436 22.06 3.66 13.48
C GLU A 436 21.02 4.34 14.37
N ALA A 437 21.01 5.67 14.39
CA ALA A 437 19.94 6.35 15.12
C ALA A 437 18.58 6.03 14.49
N PRO A 438 17.51 6.10 15.30
CA PRO A 438 16.17 5.80 14.81
C PRO A 438 15.77 6.68 13.62
N PHE A 439 15.19 6.07 12.60
CA PHE A 439 14.79 6.77 11.38
C PHE A 439 13.28 7.05 11.37
N TYR A 440 12.93 8.25 10.94
CA TYR A 440 11.56 8.74 11.05
C TYR A 440 11.10 9.33 9.73
N THR A 441 10.54 8.48 8.87
CA THR A 441 10.18 8.91 7.52
C THR A 441 8.69 9.21 7.35
N LEU A 442 8.40 9.99 6.32
CA LEU A 442 7.03 10.31 5.94
C LEU A 442 6.77 9.61 4.61
N GLY A 443 6.09 8.48 4.67
CA GLY A 443 5.97 7.63 3.49
C GLY A 443 7.07 6.58 3.51
N PRO A 444 7.82 6.43 2.42
CA PRO A 444 7.87 7.17 1.13
C PRO A 444 6.66 7.00 0.20
N LEU A 445 6.21 8.12 -0.37
CA LEU A 445 5.38 8.15 -1.56
C LEU A 445 6.14 7.45 -2.67
N THR A 446 5.54 6.44 -3.28
CA THR A 446 6.24 5.63 -4.26
C THR A 446 5.86 6.01 -5.69
N THR A 447 5.04 7.05 -5.81
CA THR A 447 4.63 7.58 -7.11
C THR A 447 3.79 8.83 -6.91
N ASP A 448 3.90 9.76 -7.85
CA ASP A 448 3.29 11.08 -7.69
C ASP A 448 1.96 11.22 -8.42
N ILE A 449 1.47 10.14 -9.04
CA ILE A 449 0.35 10.26 -9.98
C ILE A 449 -1.05 10.02 -9.41
N ALA A 450 -1.20 10.05 -8.10
CA ALA A 450 -2.50 9.72 -7.51
C ALA A 450 -2.94 10.64 -6.38
N PRO A 451 -3.02 11.95 -6.67
CA PRO A 451 -3.59 12.91 -5.70
C PRO A 451 -4.97 12.45 -5.27
N GLY A 452 -5.19 12.38 -3.95
CA GLY A 452 -6.44 11.89 -3.41
C GLY A 452 -6.29 10.47 -2.89
N TYR A 453 -5.12 9.90 -3.12
CA TYR A 453 -4.85 8.51 -2.76
C TYR A 453 -3.45 8.32 -2.18
N ASP A 454 -2.85 9.41 -1.70
CA ASP A 454 -1.45 9.36 -1.34
C ASP A 454 -1.21 8.57 -0.08
N HIS A 455 -2.28 8.29 0.65
CA HIS A 455 -2.14 7.45 1.82
C HIS A 455 -1.82 6.04 1.34
N ILE A 456 -2.32 5.70 0.16
CA ILE A 456 -2.03 4.40 -0.44
C ILE A 456 -0.64 4.35 -1.07
N THR A 457 -0.29 5.38 -1.82
CA THR A 457 1.02 5.38 -2.46
C THR A 457 2.10 5.38 -1.39
N SER A 458 1.83 6.05 -0.28
CA SER A 458 2.81 6.13 0.80
C SER A 458 2.84 4.89 1.71
N ALA A 459 1.73 4.16 1.78
CA ALA A 459 1.68 2.96 2.61
C ALA A 459 2.55 1.86 2.00
N ILE A 460 2.70 1.89 0.68
CA ILE A 460 3.57 0.95 -0.01
C ILE A 460 4.99 1.20 0.43
N GLY A 461 5.44 2.45 0.30
CA GLY A 461 6.78 2.82 0.69
C GLY A 461 7.01 2.65 2.18
N ALA A 462 6.03 3.04 3.00
CA ALA A 462 6.15 2.97 4.46
C ALA A 462 6.30 1.54 4.96
N ALA A 463 5.49 0.63 4.42
CA ALA A 463 5.58 -0.76 4.80
C ALA A 463 6.98 -1.29 4.52
N ILE A 465 9.81 0.36 4.13
CA ILE A 465 10.93 1.01 4.77
C ILE A 465 10.97 0.65 6.26
N GLY A 466 9.80 0.36 6.81
CA GLY A 466 9.69 -0.14 8.17
C GLY A 466 10.27 -1.54 8.23
N TRP A 467 10.03 -2.32 7.19
CA TRP A 467 10.66 -3.63 7.06
C TRP A 467 12.17 -3.48 7.01
N PHE A 468 12.64 -2.50 6.23
CA PHE A 468 14.08 -2.29 6.07
C PHE A 468 14.78 -1.79 7.34
N GLY A 469 14.04 -1.14 8.24
CA GLY A 469 14.58 -0.73 9.52
C GLY A 469 14.08 0.59 10.11
N THR A 470 13.10 1.21 9.47
CA THR A 470 12.59 2.48 9.97
C THR A 470 11.87 2.29 11.30
N ALA A 471 12.08 3.23 12.22
CA ALA A 471 11.51 3.13 13.56
C ALA A 471 10.14 3.80 13.63
N LEU A 473 6.89 6.04 11.36
CA LEU A 473 6.27 6.49 10.13
C LEU A 473 5.30 7.63 10.41
N CYS A 474 5.56 8.81 9.87
CA CYS A 474 4.57 9.88 9.90
C CYS A 474 3.45 9.56 8.89
N TYR A 475 2.21 9.59 9.33
CA TYR A 475 1.12 9.13 8.46
C TYR A 475 0.83 10.14 7.37
N VAL A 476 0.06 9.68 6.40
CA VAL A 476 -0.37 10.49 5.28
C VAL A 476 -1.87 10.25 5.09
N THR A 477 -2.65 11.32 5.05
CA THR A 477 -4.09 11.20 4.85
C THR A 477 -4.42 11.30 3.36
N PRO A 478 -5.61 10.83 2.96
CA PRO A 478 -6.04 10.97 1.56
C PRO A 478 -5.95 12.39 1.00
N LYS A 479 -6.18 13.39 1.85
CA LYS A 479 -6.17 14.77 1.39
C LYS A 479 -4.77 15.42 1.40
N GLU A 480 -3.74 14.59 1.26
CA GLU A 480 -2.36 15.08 1.17
C GLU A 480 -2.09 15.72 -0.18
N HIS A 481 -1.58 16.96 -0.17
CA HIS A 481 -1.33 17.73 -1.39
C HIS A 481 -2.57 18.48 -1.88
N LEU A 482 -3.68 18.35 -1.16
CA LEU A 482 -4.94 18.84 -1.66
C LEU A 482 -5.69 19.73 -0.67
N GLY A 483 -5.82 19.28 0.57
CA GLY A 483 -6.54 20.06 1.57
C GLY A 483 -6.27 19.68 3.00
N LEU A 484 -7.16 20.10 3.89
CA LEU A 484 -7.07 19.74 5.29
C LEU A 484 -7.94 18.54 5.60
N PRO A 485 -7.40 17.61 6.39
CA PRO A 485 -8.07 16.34 6.70
C PRO A 485 -9.21 16.53 7.68
N ASP A 486 -10.37 15.97 7.36
CA ASP A 486 -11.47 15.92 8.31
C ASP A 486 -11.30 14.68 9.19
N ARG A 487 -12.22 14.46 10.12
CA ARG A 487 -12.00 13.41 11.09
C ARG A 487 -11.95 12.02 10.43
N ASP A 488 -12.70 11.81 9.35
CA ASP A 488 -12.65 10.51 8.67
C ASP A 488 -11.36 10.28 7.91
N ASP A 489 -10.83 11.33 7.29
CA ASP A 489 -9.55 11.24 6.62
C ASP A 489 -8.47 10.84 7.62
N VAL A 490 -8.47 11.50 8.79
CA VAL A 490 -7.50 11.23 9.82
C VAL A 490 -7.58 9.77 10.22
N LYS A 491 -8.79 9.25 10.33
CA LYS A 491 -8.94 7.86 10.74
C LYS A 491 -8.40 6.93 9.67
N THR A 492 -8.76 7.19 8.41
CA THR A 492 -8.25 6.38 7.30
C THR A 492 -6.73 6.41 7.30
N GLY A 493 -6.17 7.56 7.62
CA GLY A 493 -4.73 7.72 7.63
C GLY A 493 -4.12 6.86 8.71
N VAL A 494 -4.66 6.99 9.92
CA VAL A 494 -4.18 6.22 11.06
C VAL A 494 -4.27 4.72 10.79
N ILE A 495 -5.46 4.21 10.47
CA ILE A 495 -5.62 2.77 10.21
C ILE A 495 -4.67 2.29 9.13
N THR A 496 -4.51 3.09 8.08
CA THR A 496 -3.64 2.74 6.96
C THR A 496 -2.23 2.55 7.43
N TYR A 497 -1.79 3.40 8.35
CA TYR A 497 -0.41 3.33 8.80
C TYR A 497 -0.23 2.29 9.89
N LYS A 498 -1.24 2.09 10.72
CA LYS A 498 -1.18 1.01 11.69
C LYS A 498 -0.96 -0.31 10.97
N LEU A 499 -1.73 -0.56 9.91
CA LEU A 499 -1.55 -1.79 9.18
C LEU A 499 -0.25 -1.83 8.38
N ALA A 500 0.24 -0.66 7.99
CA ALA A 500 1.49 -0.64 7.25
C ALA A 500 2.60 -1.03 8.20
N ALA A 501 2.54 -0.48 9.41
CA ALA A 501 3.52 -0.75 10.46
C ALA A 501 3.50 -2.22 10.89
N HIS A 502 2.30 -2.79 10.94
CA HIS A 502 2.14 -4.18 11.29
C HIS A 502 2.62 -5.12 10.19
N ALA A 503 2.38 -4.76 8.94
CA ALA A 503 2.83 -5.58 7.82
C ALA A 503 4.33 -5.69 7.94
N ALA A 504 4.94 -4.60 8.37
CA ALA A 504 6.39 -4.56 8.51
C ALA A 504 6.87 -5.44 9.68
N ASP A 505 6.18 -5.35 10.80
CA ASP A 505 6.48 -6.18 11.95
C ASP A 505 6.43 -7.67 11.62
N LEU A 506 5.39 -8.07 10.89
CA LEU A 506 5.30 -9.44 10.42
C LEU A 506 6.53 -9.84 9.62
N ALA A 507 6.94 -8.96 8.73
CA ALA A 507 8.00 -9.31 7.80
C ALA A 507 9.33 -9.39 8.51
N LYS A 508 9.50 -8.53 9.52
CA LYS A 508 10.74 -8.52 10.30
C LYS A 508 10.81 -9.75 11.20
N GLY A 509 9.71 -10.47 11.29
CA GLY A 509 9.63 -11.64 12.13
C GLY A 509 9.46 -11.29 13.59
N HIS A 510 9.04 -10.06 13.86
CA HIS A 510 8.74 -9.64 15.23
C HIS A 510 7.84 -10.66 15.91
N PRO A 511 8.23 -11.08 17.12
CA PRO A 511 7.64 -12.18 17.90
C PRO A 511 6.16 -12.02 18.22
N GLY A 512 5.67 -10.79 18.31
CA GLY A 512 4.28 -10.57 18.65
C GLY A 512 3.34 -10.47 17.47
N ALA A 513 3.91 -10.26 16.29
CA ALA A 513 3.13 -9.97 15.10
C ALA A 513 2.19 -11.10 14.69
N ALA A 514 2.76 -12.29 14.52
CA ALA A 514 2.02 -13.40 13.92
C ALA A 514 0.81 -13.86 14.76
N TRP A 516 -1.63 -12.12 16.41
CA TRP A 516 -2.79 -11.37 15.95
C TRP A 516 -3.25 -11.83 14.57
N ASP A 517 -2.30 -12.01 13.67
CA ASP A 517 -2.61 -12.48 12.33
C ASP A 517 -3.27 -13.84 12.37
N ASP A 518 -2.67 -14.77 13.11
CA ASP A 518 -3.20 -16.13 13.20
C ASP A 518 -4.55 -16.16 13.91
N ALA A 519 -4.68 -15.34 14.95
CA ALA A 519 -5.91 -15.22 15.71
C ALA A 519 -7.06 -14.82 14.80
N ILE A 520 -6.84 -13.79 13.97
CA ILE A 520 -7.88 -13.27 13.08
C ILE A 520 -8.21 -14.30 12.02
N SER A 521 -7.20 -15.03 11.56
CA SER A 521 -7.37 -15.98 10.47
C SER A 521 -8.05 -17.26 10.89
N ARG A 522 -7.83 -17.68 12.13
CA ARG A 522 -8.58 -18.80 12.71
C ARG A 522 -10.07 -18.46 12.79
N ALA A 523 -10.38 -17.24 13.21
CA ALA A 523 -11.77 -16.82 13.31
C ALA A 523 -12.45 -16.83 11.95
N ARG A 524 -11.71 -16.45 10.92
CA ARG A 524 -12.22 -16.48 9.55
C ARG A 524 -12.55 -17.92 9.14
N PHE A 525 -11.66 -18.84 9.50
CA PHE A 525 -11.82 -20.25 9.14
C PHE A 525 -12.97 -20.96 9.86
N GLU A 526 -13.25 -20.54 11.09
CA GLU A 526 -14.35 -21.14 11.87
C GLU A 526 -15.65 -20.34 11.73
N PHE A 527 -15.66 -19.36 10.83
CA PHE A 527 -16.84 -18.51 10.63
C PHE A 527 -17.29 -17.76 11.89
N ARG A 528 -16.35 -17.52 12.81
CA ARG A 528 -16.65 -16.71 13.98
C ARG A 528 -16.60 -15.23 13.60
N TRP A 529 -17.63 -14.79 12.90
CA TRP A 529 -17.67 -13.45 12.32
C TRP A 529 -17.41 -12.35 13.35
N GLU A 530 -17.97 -12.52 14.55
CA GLU A 530 -17.86 -11.50 15.58
C GLU A 530 -16.44 -11.28 16.03
N ASP A 531 -15.66 -12.35 16.10
CA ASP A 531 -14.30 -12.25 16.59
C ASP A 531 -13.44 -11.64 15.48
N GLN A 532 -13.78 -11.98 14.24
CA GLN A 532 -13.11 -11.40 13.09
C GLN A 532 -13.18 -9.86 13.15
N PHE A 533 -14.39 -9.32 13.33
CA PHE A 533 -14.55 -7.87 13.37
C PHE A 533 -13.74 -7.27 14.51
N ASN A 534 -13.88 -7.82 15.70
CA ASN A 534 -13.24 -7.27 16.89
C ASN A 534 -11.72 -7.39 16.92
N LEU A 535 -11.20 -8.35 16.16
CA LEU A 535 -9.77 -8.57 16.05
C LEU A 535 -9.14 -7.58 15.08
N GLY A 536 -9.98 -6.89 14.32
CA GLY A 536 -9.53 -5.97 13.29
C GLY A 536 -9.18 -4.59 13.80
N LEU A 537 -8.55 -3.82 12.93
CA LEU A 537 -8.13 -2.46 13.25
C LEU A 537 -9.31 -1.53 13.35
N ASP A 538 -10.42 -1.93 12.73
CA ASP A 538 -11.59 -1.07 12.61
C ASP A 538 -12.85 -1.91 12.58
N PRO A 539 -13.24 -2.44 13.75
CA PRO A 539 -14.39 -3.34 13.92
C PRO A 539 -15.66 -2.75 13.35
N GLU A 540 -15.99 -1.52 13.74
CA GLU A 540 -17.25 -0.91 13.31
C GLU A 540 -17.41 -0.94 11.79
N THR A 541 -16.34 -0.58 11.08
CA THR A 541 -16.33 -0.60 9.62
C THR A 541 -16.45 -2.03 9.09
N ALA A 542 -15.71 -2.96 9.67
CA ALA A 542 -15.78 -4.34 9.22
C ALA A 542 -17.20 -4.88 9.38
N ARG A 543 -17.82 -4.60 10.53
CA ARG A 543 -19.15 -5.10 10.84
C ARG A 543 -20.22 -4.52 9.91
N LYS A 544 -20.08 -3.24 9.59
CA LYS A 544 -21.03 -2.59 8.69
C LYS A 544 -21.01 -3.23 7.31
N PHE A 545 -19.82 -3.31 6.72
CA PHE A 545 -19.63 -3.82 5.35
C PHE A 545 -20.16 -5.24 5.17
N HIS A 546 -20.17 -6.01 6.24
CA HIS A 546 -20.57 -7.41 6.20
C HIS A 546 -21.96 -7.62 5.61
N SER B 15 -20.89 7.12 -16.69
CA SER B 15 -20.11 5.95 -17.10
C SER B 15 -19.51 6.10 -18.50
N THR B 16 -20.01 7.05 -19.28
CA THR B 16 -19.55 7.21 -20.65
C THR B 16 -19.10 8.65 -20.95
N GLY B 17 -18.51 8.85 -22.12
CA GLY B 17 -17.95 10.14 -22.48
C GLY B 17 -16.47 10.22 -22.17
N PRO B 18 -15.82 11.32 -22.61
CA PRO B 18 -14.38 11.45 -22.36
C PRO B 18 -14.10 11.39 -20.88
N ILE B 19 -12.89 10.97 -20.53
CA ILE B 19 -12.49 10.91 -19.12
C ILE B 19 -11.93 12.27 -18.71
N PRO B 20 -12.58 12.93 -17.73
CA PRO B 20 -12.35 14.32 -17.37
C PRO B 20 -10.89 14.76 -17.51
N GLY B 21 -10.67 15.79 -18.33
CA GLY B 21 -9.36 16.35 -18.57
C GLY B 21 -8.57 15.73 -19.71
N SER B 22 -9.16 14.77 -20.39
CA SER B 22 -8.48 14.09 -21.48
C SER B 22 -9.38 13.96 -22.70
N ARG B 23 -8.79 13.56 -23.83
CA ARG B 23 -9.55 13.22 -25.01
C ARG B 23 -9.01 11.92 -25.60
N LYS B 24 -9.88 11.19 -26.29
CA LYS B 24 -9.50 9.94 -26.93
C LYS B 24 -8.66 10.22 -28.18
N VAL B 25 -7.53 9.52 -28.31
CA VAL B 25 -6.68 9.64 -29.49
C VAL B 25 -6.35 8.28 -30.10
N TYR B 26 -6.02 8.26 -31.38
CA TYR B 26 -5.71 7.00 -32.04
C TYR B 26 -4.39 7.04 -32.78
N GLN B 27 -3.70 5.90 -32.80
CA GLN B 27 -2.52 5.76 -33.63
C GLN B 27 -2.81 4.65 -34.61
N ALA B 28 -2.23 4.75 -35.81
CA ALA B 28 -2.57 3.80 -36.87
C ALA B 28 -1.42 2.84 -37.12
N GLY B 29 -1.76 1.60 -37.48
CA GLY B 29 -0.76 0.58 -37.73
C GLY B 29 0.00 0.81 -39.04
N GLU B 30 1.18 0.21 -39.14
CA GLU B 30 1.98 0.27 -40.37
C GLU B 30 1.90 -1.09 -41.07
N LEU B 31 2.33 -2.13 -40.38
CA LEU B 31 2.19 -3.50 -40.88
C LEU B 31 0.74 -3.70 -41.25
N PHE B 32 -0.13 -3.14 -40.42
CA PHE B 32 -1.57 -3.30 -40.59
C PHE B 32 -2.22 -1.92 -40.56
N PRO B 33 -2.29 -1.28 -41.74
CA PRO B 33 -2.69 0.11 -41.97
C PRO B 33 -4.08 0.46 -41.44
N GLU B 34 -4.92 -0.53 -41.22
CA GLU B 34 -6.31 -0.30 -40.81
C GLU B 34 -6.54 -0.39 -39.28
N LEU B 35 -5.52 -0.83 -38.55
CA LEU B 35 -5.58 -0.79 -37.09
C LEU B 35 -5.66 0.64 -36.58
N ARG B 36 -6.56 0.87 -35.63
CA ARG B 36 -6.59 2.11 -34.86
C ARG B 36 -6.45 1.78 -33.36
N VAL B 37 -5.25 1.95 -32.82
CA VAL B 37 -5.00 1.70 -31.40
C VAL B 37 -5.32 2.91 -30.52
N PRO B 38 -6.05 2.67 -29.41
CA PRO B 38 -6.58 3.74 -28.55
C PRO B 38 -5.56 4.29 -27.58
N PHE B 39 -5.75 5.54 -27.18
CA PHE B 39 -4.99 6.18 -26.14
C PHE B 39 -5.86 7.32 -25.65
N ARG B 40 -5.56 7.84 -24.47
CA ARG B 40 -6.08 9.15 -24.09
C ARG B 40 -4.92 10.12 -23.89
N GLU B 41 -5.22 11.40 -24.06
CA GLU B 41 -4.20 12.40 -24.15
C GLU B 41 -4.60 13.49 -23.17
N VAL B 42 -3.64 13.98 -22.41
CA VAL B 42 -3.89 15.05 -21.47
C VAL B 42 -3.04 16.23 -21.82
N ALA B 43 -3.66 17.34 -22.19
CA ALA B 43 -2.89 18.52 -22.57
C ALA B 43 -2.75 19.43 -21.37
N VAL B 44 -1.61 20.10 -21.29
CA VAL B 44 -1.33 20.99 -20.16
C VAL B 44 -1.28 22.44 -20.63
N HIS B 45 -1.32 23.36 -19.68
CA HIS B 45 -1.35 24.79 -19.97
C HIS B 45 -0.27 25.16 -21.01
N PRO B 46 -0.61 26.07 -21.93
CA PRO B 46 0.34 26.45 -23.00
C PRO B 46 1.65 27.00 -22.43
N SER B 47 1.57 27.75 -21.34
CA SER B 47 2.77 28.36 -20.75
C SER B 47 3.84 27.32 -20.47
N ALA B 48 3.42 26.09 -20.17
CA ALA B 48 4.34 25.05 -19.74
C ALA B 48 5.24 24.54 -20.87
N ASN B 49 4.88 24.86 -22.10
CA ASN B 49 5.68 24.43 -23.24
C ASN B 49 5.97 22.94 -23.21
N GLU B 50 4.95 22.17 -22.83
CA GLU B 50 5.06 20.72 -22.82
C GLU B 50 4.13 20.12 -23.85
N PRO B 51 4.52 18.98 -24.42
CA PRO B 51 3.59 18.24 -25.28
C PRO B 51 2.52 17.58 -24.41
N PRO B 52 1.42 17.14 -25.03
CA PRO B 52 0.41 16.43 -24.25
C PRO B 52 0.95 15.07 -23.77
N VAL B 53 0.50 14.66 -22.59
CA VAL B 53 0.92 13.41 -21.97
C VAL B 53 0.02 12.27 -22.41
N THR B 54 0.63 11.20 -22.93
CA THR B 54 -0.12 10.06 -23.41
C THR B 54 -0.28 8.99 -22.34
N ILE B 55 -1.52 8.58 -22.10
CA ILE B 55 -1.87 7.62 -21.05
C ILE B 55 -2.49 6.35 -21.63
N TYR B 56 -2.14 5.19 -21.07
CA TYR B 56 -2.73 3.93 -21.50
C TYR B 56 -4.21 3.88 -21.13
N ASP B 57 -5.06 3.55 -22.09
CA ASP B 57 -6.51 3.62 -21.91
C ASP B 57 -7.28 2.36 -22.36
N PRO B 58 -7.80 1.57 -21.40
CA PRO B 58 -8.54 0.37 -21.76
C PRO B 58 -10.04 0.62 -21.81
N SER B 59 -10.47 1.86 -21.61
CA SER B 59 -11.88 2.18 -21.50
C SER B 59 -12.70 1.80 -22.73
N GLY B 60 -12.06 1.78 -23.89
CA GLY B 60 -12.71 1.43 -25.14
C GLY B 60 -13.59 2.53 -25.73
N PRO B 61 -14.46 2.15 -26.68
CA PRO B 61 -15.36 3.09 -27.35
C PRO B 61 -16.32 3.86 -26.43
N TYR B 62 -16.51 3.43 -25.19
CA TYR B 62 -17.45 4.13 -24.32
C TYR B 62 -16.96 5.51 -23.96
N SER B 63 -15.68 5.76 -24.13
CA SER B 63 -15.13 7.08 -23.83
C SER B 63 -14.79 7.84 -25.10
N ASP B 64 -15.37 7.41 -26.22
CA ASP B 64 -15.18 8.12 -27.47
C ASP B 64 -16.51 8.69 -27.95
N PRO B 65 -16.62 10.02 -27.99
CA PRO B 65 -17.88 10.65 -28.38
C PRO B 65 -18.32 10.33 -29.81
N ALA B 66 -17.39 10.15 -30.74
CA ALA B 66 -17.75 9.92 -32.13
C ALA B 66 -18.45 8.57 -32.34
N ILE B 67 -18.41 7.72 -31.33
CA ILE B 67 -19.00 6.39 -31.45
C ILE B 67 -20.29 6.27 -30.63
N GLN B 68 -21.37 5.90 -31.29
CA GLN B 68 -22.64 5.69 -30.60
C GLN B 68 -22.71 4.32 -29.94
N ILE B 69 -23.17 4.29 -28.69
CA ILE B 69 -23.31 3.05 -27.93
C ILE B 69 -24.74 2.54 -27.99
N ASP B 70 -24.92 1.31 -28.46
CA ASP B 70 -26.19 0.62 -28.33
C ASP B 70 -25.95 -0.79 -27.79
N ILE B 71 -26.18 -1.00 -26.50
CA ILE B 71 -25.79 -2.28 -25.92
C ILE B 71 -26.51 -3.48 -26.51
N GLU B 72 -27.61 -3.25 -27.23
CA GLU B 72 -28.35 -4.36 -27.85
C GLU B 72 -27.76 -4.74 -29.20
N LYS B 73 -26.94 -3.85 -29.74
CA LYS B 73 -26.22 -4.14 -30.97
C LYS B 73 -24.81 -4.59 -30.62
N GLY B 74 -24.35 -4.19 -29.44
CA GLY B 74 -22.98 -4.43 -29.02
C GLY B 74 -22.05 -3.45 -29.70
N LEU B 75 -20.76 -3.53 -29.38
CA LEU B 75 -19.76 -2.68 -30.00
C LEU B 75 -19.49 -3.10 -31.45
N PRO B 76 -18.90 -2.20 -32.24
CA PRO B 76 -18.46 -2.55 -33.59
C PRO B 76 -17.40 -3.64 -33.55
N ARG B 77 -17.61 -4.73 -34.29
CA ARG B 77 -16.65 -5.83 -34.30
C ARG B 77 -15.41 -5.53 -35.18
N THR B 78 -14.66 -4.52 -34.73
CA THR B 78 -13.51 -4.00 -35.45
C THR B 78 -12.42 -5.04 -35.71
N ARG B 79 -12.54 -6.19 -35.05
CA ARG B 79 -11.50 -7.22 -35.10
C ARG B 79 -11.87 -8.44 -35.96
N GLU B 80 -13.17 -8.65 -36.17
CA GLU B 80 -13.66 -9.77 -36.95
C GLU B 80 -12.93 -9.88 -38.29
N ALA B 81 -12.85 -8.76 -39.01
CA ALA B 81 -12.22 -8.74 -40.33
C ALA B 81 -10.77 -9.25 -40.34
N LEU B 82 -9.98 -8.83 -39.36
CA LEU B 82 -8.57 -9.20 -39.28
C LEU B 82 -8.36 -10.68 -39.03
N VAL B 83 -9.26 -11.28 -38.26
CA VAL B 83 -9.23 -12.71 -37.94
C VAL B 83 -9.56 -13.54 -39.18
N VAL B 84 -10.70 -13.23 -39.78
CA VAL B 84 -11.14 -13.84 -41.02
C VAL B 84 -10.15 -13.69 -42.19
N ALA B 85 -9.51 -12.53 -42.28
CA ALA B 85 -8.53 -12.27 -43.34
C ALA B 85 -7.40 -13.29 -43.34
N ARG B 86 -7.09 -13.81 -42.15
CA ARG B 86 -6.06 -14.84 -42.03
C ARG B 86 -6.53 -16.19 -42.61
N GLY B 87 -7.84 -16.32 -42.80
CA GLY B 87 -8.42 -17.47 -43.47
C GLY B 87 -8.14 -18.80 -42.79
N ASP B 88 -7.81 -18.75 -41.50
CA ASP B 88 -7.57 -19.98 -40.74
C ASP B 88 -8.84 -20.49 -40.05
N VAL B 89 -9.96 -19.79 -40.25
CA VAL B 89 -11.22 -20.22 -39.64
C VAL B 89 -12.37 -20.34 -40.63
N GLU B 90 -13.44 -20.99 -40.17
CA GLU B 90 -14.62 -21.24 -40.97
C GLU B 90 -15.84 -21.06 -40.06
N GLU B 91 -17.00 -20.77 -40.64
CA GLU B 91 -18.21 -20.71 -39.83
C GLU B 91 -18.60 -22.07 -39.27
N VAL B 92 -19.20 -22.08 -38.09
CA VAL B 92 -19.65 -23.32 -37.47
C VAL B 92 -21.05 -23.69 -37.94
N ALA B 93 -21.17 -24.87 -38.54
CA ALA B 93 -22.44 -25.35 -39.08
C ALA B 93 -23.60 -25.05 -38.15
N ASP B 94 -23.63 -25.69 -36.99
CA ASP B 94 -24.67 -25.46 -36.00
C ASP B 94 -24.11 -25.38 -34.58
N PRO B 95 -24.11 -24.16 -34.01
CA PRO B 95 -23.52 -23.87 -32.69
C PRO B 95 -24.49 -24.24 -31.58
N ARG B 96 -24.01 -24.22 -30.34
CA ARG B 96 -24.85 -24.60 -29.20
C ARG B 96 -25.65 -23.41 -28.68
N ALA B 112 -33.86 -13.16 -17.55
CA ALA B 112 -32.81 -12.38 -18.21
C ALA B 112 -32.96 -12.41 -19.72
N PRO B 113 -33.04 -11.22 -20.35
CA PRO B 113 -33.28 -11.11 -21.78
C PRO B 113 -32.21 -11.82 -22.61
N GLU B 114 -32.61 -12.30 -23.78
CA GLU B 114 -31.69 -12.97 -24.67
C GLU B 114 -31.09 -11.94 -25.61
N PHE B 115 -29.78 -12.03 -25.82
CA PHE B 115 -29.09 -11.10 -26.69
C PHE B 115 -29.30 -11.48 -28.15
N PRO B 116 -29.81 -10.54 -28.96
CA PRO B 116 -30.03 -10.73 -30.40
C PRO B 116 -28.72 -10.96 -31.16
N ASP B 117 -28.37 -12.23 -31.35
CA ASP B 117 -27.04 -12.61 -31.84
C ASP B 117 -27.05 -12.99 -33.32
N THR B 118 -28.06 -12.55 -34.04
CA THR B 118 -28.26 -12.97 -35.42
C THR B 118 -27.19 -12.47 -36.41
N GLY B 119 -26.72 -11.24 -36.21
CA GLY B 119 -25.78 -10.63 -37.15
C GLY B 119 -24.34 -11.11 -37.03
N ARG B 120 -24.10 -11.97 -36.03
CA ARG B 120 -22.73 -12.43 -35.74
C ARG B 120 -22.50 -13.88 -36.14
N LYS B 121 -21.55 -14.10 -37.04
CA LYS B 121 -21.17 -15.45 -37.40
C LYS B 121 -20.31 -16.04 -36.28
N ILE B 122 -20.42 -17.33 -36.05
CA ILE B 122 -19.62 -18.03 -35.03
C ILE B 122 -18.52 -18.88 -35.68
N TYR B 123 -17.28 -18.68 -35.26
CA TYR B 123 -16.15 -19.30 -35.95
C TYR B 123 -15.43 -20.36 -35.15
N ARG B 124 -14.84 -21.30 -35.88
CA ARG B 124 -13.99 -22.31 -35.29
C ARG B 124 -12.84 -22.51 -36.27
N ALA B 125 -11.68 -22.91 -35.76
CA ALA B 125 -10.53 -23.18 -36.61
C ALA B 125 -10.91 -24.20 -37.67
N LYS B 126 -10.34 -24.05 -38.86
CA LYS B 126 -10.45 -25.08 -39.88
C LYS B 126 -9.61 -26.27 -39.43
N PRO B 127 -10.07 -27.50 -39.72
CA PRO B 127 -9.33 -28.69 -39.31
C PRO B 127 -7.85 -28.62 -39.70
N GLY B 128 -6.98 -28.86 -38.73
CA GLY B 128 -5.55 -28.94 -38.95
C GLY B 128 -4.81 -27.62 -39.07
N LYS B 129 -5.52 -26.51 -38.91
CA LYS B 129 -4.94 -25.18 -39.13
C LYS B 129 -4.48 -24.51 -37.84
N LEU B 130 -3.58 -23.52 -37.98
CA LEU B 130 -3.11 -22.76 -36.84
C LEU B 130 -4.02 -21.57 -36.59
N VAL B 131 -4.27 -21.27 -35.32
CA VAL B 131 -5.14 -20.14 -34.98
C VAL B 131 -4.68 -19.31 -33.78
N THR B 132 -4.02 -19.96 -32.83
CA THR B 132 -3.62 -19.26 -31.61
C THR B 132 -2.42 -18.35 -31.85
N GLN B 133 -2.38 -17.24 -31.12
CA GLN B 133 -1.25 -16.32 -31.17
C GLN B 133 0.08 -17.07 -31.02
N LEU B 134 0.12 -18.01 -30.07
CA LEU B 134 1.31 -18.83 -29.86
C LEU B 134 1.72 -19.52 -31.16
N GLU B 135 0.85 -20.37 -31.68
CA GLU B 135 1.14 -21.06 -32.95
C GLU B 135 1.72 -20.13 -34.02
N TYR B 136 1.10 -18.97 -34.23
CA TYR B 136 1.58 -18.04 -35.26
C TYR B 136 2.98 -17.57 -34.93
N ALA B 137 3.17 -17.13 -33.69
CA ALA B 137 4.46 -16.59 -33.27
C ALA B 137 5.57 -17.61 -33.55
N ARG B 138 5.27 -18.88 -33.22
CA ARG B 138 6.22 -19.96 -33.42
C ARG B 138 6.55 -20.19 -34.89
N ALA B 139 5.57 -19.94 -35.76
CA ALA B 139 5.73 -20.11 -37.20
C ALA B 139 6.38 -18.88 -37.85
N GLY B 140 6.87 -17.96 -37.03
CA GLY B 140 7.56 -16.78 -37.53
C GLY B 140 6.64 -15.69 -38.06
N ILE B 141 5.34 -15.89 -37.88
CA ILE B 141 4.34 -14.94 -38.35
C ILE B 141 4.02 -13.84 -37.32
N ILE B 142 3.93 -12.59 -37.78
CA ILE B 142 3.46 -11.48 -36.97
C ILE B 142 2.01 -11.21 -37.34
N THR B 143 1.15 -11.08 -36.33
CA THR B 143 -0.28 -10.91 -36.61
C THR B 143 -0.76 -9.52 -36.21
N ALA B 144 -1.96 -9.17 -36.66
CA ALA B 144 -2.52 -7.87 -36.34
C ALA B 144 -2.43 -7.62 -34.84
N GLU B 145 -2.94 -8.55 -34.06
CA GLU B 145 -2.92 -8.40 -32.61
C GLU B 145 -1.54 -7.97 -32.10
N GLU B 147 0.95 -6.34 -33.65
CA GLU B 147 1.33 -4.97 -33.94
C GLU B 147 0.44 -3.99 -33.17
N TYR B 148 -0.82 -4.35 -33.02
CA TYR B 148 -1.74 -3.57 -32.20
C TYR B 148 -1.10 -3.33 -30.83
N VAL B 149 -0.58 -4.40 -30.24
CA VAL B 149 -0.03 -4.36 -28.89
C VAL B 149 1.26 -3.56 -28.78
N ALA B 150 2.23 -3.88 -29.62
CA ALA B 150 3.50 -3.14 -29.70
C ALA B 150 3.27 -1.64 -29.72
N ILE B 151 2.28 -1.21 -30.49
CA ILE B 151 1.93 0.19 -30.57
C ILE B 151 1.37 0.67 -29.24
N ARG B 152 0.36 -0.04 -28.77
CA ARG B 152 -0.30 0.30 -27.51
C ARG B 152 0.71 0.46 -26.36
N GLU B 153 1.66 -0.46 -26.29
CA GLU B 153 2.63 -0.45 -25.20
C GLU B 153 3.66 0.67 -25.31
N ASN B 154 3.71 1.36 -26.44
CA ASN B 154 4.70 2.43 -26.64
C ASN B 154 4.21 3.79 -26.21
N LEU B 155 2.90 3.93 -26.02
CA LEU B 155 2.31 5.18 -25.58
C LEU B 155 2.66 6.36 -26.48
N ARG B 156 2.83 6.09 -27.78
CA ARG B 156 3.15 7.13 -28.77
C ARG B 156 4.48 7.81 -28.51
N ARG B 157 5.40 7.11 -27.85
CA ARG B 157 6.74 7.65 -27.65
C ARG B 157 7.48 7.66 -28.98
N GLU B 158 8.42 8.59 -29.14
CA GLU B 158 9.21 8.65 -30.35
C GLU B 158 10.45 7.75 -30.22
N GLN B 159 10.51 6.70 -31.04
CA GLN B 159 11.64 5.79 -31.05
C GLN B 159 12.96 6.53 -31.27
N ASP B 160 12.87 7.67 -31.96
CA ASP B 160 13.98 8.61 -32.11
C ASP B 160 14.71 8.81 -30.79
N ARG B 161 14.11 9.64 -29.94
CA ARG B 161 14.70 10.01 -28.65
C ARG B 161 14.53 8.91 -27.62
N PRO B 162 15.60 8.13 -27.41
CA PRO B 162 15.56 7.05 -26.41
C PRO B 162 15.46 7.68 -25.02
N CYS B 163 14.85 6.97 -24.08
CA CYS B 163 14.81 7.43 -22.69
C CYS B 163 15.95 6.80 -21.89
N VAL B 164 16.49 7.54 -20.92
CA VAL B 164 17.56 7.01 -20.08
C VAL B 164 16.99 6.19 -18.91
N ARG B 165 17.61 5.03 -18.67
CA ARG B 165 17.05 4.03 -17.77
C ARG B 165 17.38 4.24 -16.29
N ASP B 166 16.36 4.26 -15.45
CA ASP B 166 16.55 4.28 -14.00
C ASP B 166 15.54 3.37 -13.29
N GLY B 167 16.02 2.25 -12.80
CA GLY B 167 15.17 1.31 -12.09
C GLY B 167 15.87 -0.01 -11.86
N GLU B 168 15.09 -1.03 -11.55
CA GLU B 168 15.64 -2.36 -11.27
C GLU B 168 14.62 -3.42 -11.67
N ASP B 169 14.90 -4.15 -12.75
CA ASP B 169 13.93 -5.11 -13.29
C ASP B 169 14.33 -6.55 -13.05
N PHE B 170 15.28 -6.74 -12.14
CA PHE B 170 15.65 -8.08 -11.69
C PHE B 170 15.83 -9.10 -12.82
N GLY B 171 16.53 -8.70 -13.87
CA GLY B 171 16.84 -9.63 -14.96
C GLY B 171 15.76 -9.72 -16.02
N ALA B 172 14.89 -8.71 -16.06
CA ALA B 172 13.89 -8.63 -17.11
C ALA B 172 14.54 -8.18 -18.41
N SER B 173 13.79 -8.26 -19.51
CA SER B 173 14.31 -7.86 -20.81
C SER B 173 13.42 -6.80 -21.40
N ILE B 174 13.37 -5.64 -20.77
CA ILE B 174 12.48 -4.58 -21.24
C ILE B 174 13.16 -3.75 -22.32
N PRO B 175 12.51 -3.61 -23.49
CA PRO B 175 13.08 -2.85 -24.62
C PRO B 175 12.97 -1.35 -24.36
N ASP B 176 13.87 -0.58 -24.95
CA ASP B 176 13.79 0.88 -24.85
C ASP B 176 12.55 1.31 -25.63
N PHE B 177 12.09 0.41 -26.49
CA PHE B 177 11.00 0.66 -27.41
C PHE B 177 10.46 -0.70 -27.87
N VAL B 178 9.15 -0.87 -27.86
CA VAL B 178 8.56 -2.16 -28.23
C VAL B 178 8.21 -2.28 -29.72
N THR B 179 8.73 -3.32 -30.38
CA THR B 179 8.42 -3.56 -31.79
C THR B 179 7.59 -4.84 -31.93
N PRO B 180 6.84 -4.97 -33.03
CA PRO B 180 6.04 -6.18 -33.24
C PRO B 180 6.89 -7.45 -33.17
N GLU B 181 8.07 -7.41 -33.77
CA GLU B 181 8.97 -8.55 -33.71
C GLU B 181 9.30 -8.96 -32.29
N PHE B 182 9.50 -7.98 -31.41
CA PHE B 182 9.77 -8.29 -30.01
C PHE B 182 8.59 -8.99 -29.37
N VAL B 183 7.39 -8.60 -29.78
CA VAL B 183 6.17 -9.23 -29.26
C VAL B 183 6.03 -10.67 -29.75
N ARG B 184 6.40 -10.92 -31.01
CA ARG B 184 6.38 -12.29 -31.53
C ARG B 184 7.34 -13.17 -30.75
N GLN B 185 8.54 -12.64 -30.50
CA GLN B 185 9.54 -13.37 -29.72
C GLN B 185 9.00 -13.79 -28.35
N GLU B 186 8.46 -12.81 -27.61
CA GLU B 186 8.00 -13.07 -26.26
C GLU B 186 6.88 -14.09 -26.22
N ILE B 187 5.95 -13.99 -27.18
CA ILE B 187 4.86 -14.96 -27.28
C ILE B 187 5.41 -16.34 -27.63
N ALA B 188 6.39 -16.38 -28.52
CA ALA B 188 7.00 -17.65 -28.94
C ALA B 188 7.58 -18.45 -27.79
N ARG B 189 8.25 -17.77 -26.86
CA ARG B 189 8.92 -18.44 -25.76
C ARG B 189 7.97 -18.63 -24.58
N GLY B 190 6.71 -18.23 -24.76
CA GLY B 190 5.71 -18.36 -23.71
C GLY B 190 5.88 -17.35 -22.59
N ARG B 191 6.62 -16.27 -22.84
CA ARG B 191 6.90 -15.27 -21.81
C ARG B 191 5.92 -14.10 -21.88
N ALA B 192 4.93 -14.23 -22.75
CA ALA B 192 3.92 -13.20 -22.91
C ALA B 192 2.73 -13.79 -23.64
N ILE B 193 1.55 -13.25 -23.41
CA ILE B 193 0.34 -13.76 -24.05
C ILE B 193 -0.63 -12.65 -24.43
N ILE B 194 -1.29 -12.84 -25.56
CA ILE B 194 -2.35 -11.94 -26.03
C ILE B 194 -3.68 -12.71 -26.04
N PRO B 195 -4.44 -12.62 -24.93
CA PRO B 195 -5.72 -13.35 -24.80
C PRO B 195 -6.73 -12.86 -25.84
N ALA B 196 -7.13 -13.70 -26.80
CA ALA B 196 -7.93 -13.21 -27.92
C ALA B 196 -8.75 -14.28 -28.68
N ASN B 197 -9.76 -14.84 -28.01
CA ASN B 197 -10.71 -15.75 -28.63
C ASN B 197 -11.21 -15.19 -29.97
N ILE B 198 -11.19 -16.00 -31.02
CA ILE B 198 -11.59 -15.52 -32.36
C ILE B 198 -13.04 -15.07 -32.42
N ASN B 199 -13.87 -15.58 -31.52
CA ASN B 199 -15.26 -15.18 -31.49
C ASN B 199 -15.50 -13.89 -30.70
N HIS B 200 -14.42 -13.25 -30.27
CA HIS B 200 -14.56 -11.97 -29.57
C HIS B 200 -14.06 -10.81 -30.44
N GLY B 201 -14.80 -10.51 -31.50
CA GLY B 201 -14.39 -9.50 -32.47
C GLY B 201 -14.43 -8.08 -31.94
N GLU B 202 -15.05 -7.89 -30.78
CA GLU B 202 -15.19 -6.57 -30.17
C GLU B 202 -13.89 -6.08 -29.49
N LEU B 203 -12.96 -7.00 -29.31
CA LEU B 203 -11.79 -6.78 -28.46
C LEU B 203 -10.76 -5.80 -28.99
N GLU B 204 -10.30 -4.91 -28.10
CA GLU B 204 -9.05 -4.17 -28.32
C GLU B 204 -7.92 -4.95 -27.65
N PRO B 205 -7.11 -5.65 -28.45
CA PRO B 205 -6.11 -6.57 -27.93
C PRO B 205 -5.10 -5.89 -27.00
N ALA B 207 -1.53 -6.85 -24.22
CA ALA B 207 -0.45 -7.79 -23.94
C ALA B 207 -0.31 -8.02 -22.44
N ILE B 208 -0.17 -9.28 -22.04
CA ILE B 208 0.22 -9.60 -20.67
C ILE B 208 1.60 -10.22 -20.63
N GLY B 209 2.50 -9.63 -19.85
CA GLY B 209 3.83 -10.18 -19.76
C GLY B 209 4.78 -9.33 -18.94
N ARG B 210 5.73 -10.01 -18.28
CA ARG B 210 6.73 -9.36 -17.46
C ARG B 210 7.41 -8.20 -18.18
N ASN B 211 7.62 -8.37 -19.48
CA ASN B 211 8.38 -7.37 -20.24
C ASN B 211 7.52 -6.25 -20.80
N PHE B 212 6.29 -6.16 -20.30
CA PHE B 212 5.41 -5.07 -20.70
C PHE B 212 4.86 -4.37 -19.48
N LEU B 213 3.97 -3.42 -19.70
CA LEU B 213 3.34 -2.68 -18.62
C LEU B 213 2.46 -3.63 -17.80
N VAL B 214 2.58 -3.56 -16.47
CA VAL B 214 1.79 -4.39 -15.59
C VAL B 214 0.31 -4.07 -15.77
N LYS B 215 -0.48 -5.11 -16.06
CA LYS B 215 -1.92 -4.95 -16.28
C LYS B 215 -2.70 -5.37 -15.05
N ILE B 216 -3.94 -4.89 -14.94
CA ILE B 216 -4.78 -5.22 -13.80
C ILE B 216 -6.12 -5.79 -14.25
N ASN B 217 -6.75 -6.58 -13.40
CA ASN B 217 -7.98 -7.28 -13.75
C ASN B 217 -9.07 -6.97 -12.75
N ALA B 218 -10.28 -6.68 -13.23
CA ALA B 218 -11.42 -6.46 -12.33
C ALA B 218 -12.42 -7.59 -12.47
N ASN B 219 -13.12 -7.89 -11.36
CA ASN B 219 -14.14 -8.93 -11.32
C ASN B 219 -15.56 -8.39 -11.47
N ILE B 220 -16.43 -9.18 -12.10
CA ILE B 220 -17.85 -8.86 -12.19
C ILE B 220 -18.65 -10.09 -11.78
N GLY B 221 -19.88 -9.87 -11.32
CA GLY B 221 -20.81 -10.96 -11.18
C GLY B 221 -21.45 -11.23 -9.83
N ASN B 222 -22.66 -11.79 -9.87
CA ASN B 222 -23.36 -12.23 -8.67
C ASN B 222 -23.83 -13.67 -8.80
N THR B 228 -30.17 -6.32 -13.56
CA THR B 228 -30.63 -6.34 -14.95
C THR B 228 -29.48 -6.18 -15.95
N VAL B 229 -29.75 -6.35 -17.24
CA VAL B 229 -28.70 -6.33 -18.24
C VAL B 229 -27.93 -5.02 -18.34
N ALA B 230 -28.66 -3.91 -18.49
CA ALA B 230 -28.06 -2.60 -18.53
C ALA B 230 -27.07 -2.43 -17.37
N ASP B 231 -27.48 -2.88 -16.20
CA ASP B 231 -26.69 -2.69 -14.99
C ASP B 231 -25.45 -3.58 -14.97
N GLU B 232 -25.54 -4.76 -15.57
CA GLU B 232 -24.38 -5.65 -15.63
C GLU B 232 -23.34 -5.10 -16.59
N VAL B 233 -23.77 -4.68 -17.78
CA VAL B 233 -22.84 -4.08 -18.73
C VAL B 233 -22.19 -2.82 -18.16
N ASP B 234 -22.98 -2.06 -17.41
CA ASP B 234 -22.50 -0.87 -16.71
C ASP B 234 -21.32 -1.19 -15.78
N LYS B 235 -21.41 -2.31 -15.07
CA LYS B 235 -20.37 -2.65 -14.13
C LYS B 235 -19.05 -2.83 -14.87
N LEU B 236 -19.11 -3.32 -16.10
CA LEU B 236 -17.90 -3.52 -16.88
C LEU B 236 -17.41 -2.23 -17.52
N VAL B 237 -18.34 -1.37 -17.91
CA VAL B 237 -17.92 -0.08 -18.44
C VAL B 237 -17.22 0.71 -17.35
N TRP B 238 -17.74 0.61 -16.13
CA TRP B 238 -17.19 1.33 -14.99
C TRP B 238 -15.81 0.86 -14.61
N ALA B 239 -15.63 -0.45 -14.50
CA ALA B 239 -14.33 -1.01 -14.16
C ALA B 239 -13.29 -0.60 -15.21
N THR B 240 -13.66 -0.69 -16.48
CA THR B 240 -12.74 -0.34 -17.56
C THR B 240 -12.49 1.17 -17.71
N ARG B 241 -13.47 1.98 -17.33
CA ARG B 241 -13.30 3.42 -17.36
C ARG B 241 -12.12 3.87 -16.52
N TRP B 242 -11.90 3.18 -15.40
CA TRP B 242 -10.91 3.66 -14.43
C TRP B 242 -9.55 3.00 -14.55
N GLY B 243 -9.42 2.02 -15.44
CA GLY B 243 -8.12 1.43 -15.72
C GLY B 243 -8.04 -0.08 -15.91
N ALA B 244 -9.12 -0.79 -15.59
CA ALA B 244 -9.11 -2.25 -15.69
C ALA B 244 -8.78 -2.73 -17.11
N ASP B 245 -7.69 -3.48 -17.22
CA ASP B 245 -7.23 -3.97 -18.50
C ASP B 245 -7.95 -5.24 -18.97
N THR B 246 -8.46 -6.04 -18.03
CA THR B 246 -9.30 -7.19 -18.34
C THR B 246 -10.39 -7.37 -17.28
N VAL B 247 -11.35 -8.25 -17.53
CA VAL B 247 -12.45 -8.44 -16.59
C VAL B 247 -12.88 -9.89 -16.54
N ASP B 249 -15.82 -12.53 -15.47
CA ASP B 249 -17.18 -12.81 -15.07
C ASP B 249 -17.16 -13.96 -14.05
N LEU B 250 -17.34 -13.63 -12.77
CA LEU B 250 -17.32 -14.64 -11.73
C LEU B 250 -18.74 -14.99 -11.28
N SER B 251 -19.71 -14.79 -12.16
CA SER B 251 -21.11 -15.04 -11.85
C SER B 251 -21.41 -16.52 -11.61
N THR B 252 -22.22 -16.76 -10.58
CA THR B 252 -22.76 -18.07 -10.27
C THR B 252 -24.28 -17.97 -10.28
N GLY B 253 -24.96 -19.11 -10.41
CA GLY B 253 -26.42 -19.13 -10.39
C GLY B 253 -27.02 -19.37 -11.76
N ARG B 254 -28.27 -18.97 -11.95
CA ARG B 254 -28.93 -19.15 -13.24
C ARG B 254 -28.69 -18.00 -14.23
N ASN B 255 -28.91 -18.27 -15.50
CA ASN B 255 -28.83 -17.27 -16.55
C ASN B 255 -27.43 -16.74 -16.77
N ILE B 256 -26.47 -17.35 -16.07
CA ILE B 256 -25.07 -16.89 -16.15
C ILE B 256 -24.50 -16.90 -17.56
N HIS B 257 -24.96 -17.80 -18.41
CA HIS B 257 -24.53 -17.81 -19.80
C HIS B 257 -25.19 -16.69 -20.61
N ASN B 258 -26.51 -16.57 -20.49
CA ASN B 258 -27.26 -15.56 -21.24
C ASN B 258 -26.83 -14.15 -20.89
N ILE B 259 -26.56 -13.90 -19.60
CA ILE B 259 -26.08 -12.60 -19.18
C ILE B 259 -24.68 -12.31 -19.74
N ARG B 260 -23.82 -13.32 -19.71
CA ARG B 260 -22.46 -13.16 -20.20
C ARG B 260 -22.44 -12.73 -21.67
N ASP B 261 -23.52 -13.04 -22.39
CA ASP B 261 -23.67 -12.62 -23.77
C ASP B 261 -23.60 -11.11 -23.87
N TRP B 262 -24.36 -10.44 -23.01
CA TRP B 262 -24.40 -8.97 -22.97
C TRP B 262 -23.02 -8.40 -22.64
N ILE B 263 -22.33 -9.05 -21.70
CA ILE B 263 -21.04 -8.56 -21.25
C ILE B 263 -19.96 -8.68 -22.33
N ILE B 264 -19.80 -9.88 -22.89
CA ILE B 264 -18.79 -10.10 -23.94
C ILE B 264 -19.06 -9.25 -25.19
N ARG B 265 -20.32 -9.17 -25.62
CA ARG B 265 -20.65 -8.45 -26.85
C ARG B 265 -20.47 -6.94 -26.70
N ASN B 266 -20.34 -6.48 -25.48
CA ASN B 266 -20.14 -5.07 -25.20
C ASN B 266 -18.78 -4.75 -24.56
N SER B 267 -17.94 -5.76 -24.42
CA SER B 267 -16.61 -5.58 -23.87
C SER B 267 -15.54 -5.34 -24.93
N SER B 268 -14.69 -4.36 -24.70
CA SER B 268 -13.54 -4.13 -25.57
C SER B 268 -12.29 -4.71 -24.91
N VAL B 269 -12.43 -5.14 -23.67
CA VAL B 269 -11.34 -5.77 -22.93
C VAL B 269 -11.54 -7.29 -22.90
N PRO B 270 -10.45 -8.05 -22.81
CA PRO B 270 -10.62 -9.50 -22.76
C PRO B 270 -11.50 -9.90 -21.59
N ILE B 271 -12.40 -10.86 -21.81
CA ILE B 271 -13.22 -11.42 -20.76
C ILE B 271 -12.72 -12.82 -20.40
N GLY B 272 -12.70 -13.12 -19.10
CA GLY B 272 -12.32 -14.44 -18.64
C GLY B 272 -13.37 -15.03 -17.73
N THR B 273 -13.30 -16.34 -17.51
CA THR B 273 -14.24 -17.01 -16.63
C THR B 273 -13.60 -18.20 -15.93
N VAL B 274 -14.36 -18.82 -15.05
CA VAL B 274 -14.00 -20.12 -14.51
C VAL B 274 -15.09 -21.08 -14.96
N PRO B 275 -14.82 -21.85 -16.03
CA PRO B 275 -15.87 -22.72 -16.59
C PRO B 275 -16.47 -23.63 -15.53
N ILE B 276 -15.69 -24.03 -14.53
CA ILE B 276 -16.23 -24.90 -13.51
C ILE B 276 -17.50 -24.33 -12.85
N TYR B 277 -17.58 -23.00 -12.73
CA TYR B 277 -18.74 -22.38 -12.09
C TYR B 277 -20.00 -22.69 -12.89
N GLN B 278 -19.89 -22.59 -14.21
CA GLN B 278 -21.03 -22.84 -15.09
C GLN B 278 -21.40 -24.32 -15.19
N ALA B 279 -20.39 -25.18 -15.19
CA ALA B 279 -20.62 -26.62 -15.24
C ALA B 279 -21.29 -27.05 -13.95
N LEU B 280 -21.03 -26.32 -12.88
CA LEU B 280 -21.60 -26.67 -11.59
C LEU B 280 -23.10 -26.39 -11.53
N GLU B 281 -23.58 -25.43 -12.32
CA GLU B 281 -25.02 -25.13 -12.32
C GLU B 281 -25.81 -26.06 -13.23
N LYS B 282 -25.13 -26.63 -14.22
CA LYS B 282 -25.76 -27.62 -15.09
C LYS B 282 -26.16 -28.86 -14.30
N VAL B 283 -25.53 -29.06 -13.15
CA VAL B 283 -25.91 -30.16 -12.25
C VAL B 283 -26.35 -29.65 -10.88
N ASN B 284 -27.11 -28.56 -10.89
CA ASN B 284 -27.79 -28.04 -9.71
C ASN B 284 -26.95 -27.94 -8.45
N GLY B 285 -25.69 -27.54 -8.60
CA GLY B 285 -24.84 -27.16 -7.49
C GLY B 285 -24.19 -28.27 -6.69
N VAL B 286 -24.29 -29.50 -7.18
CA VAL B 286 -23.71 -30.64 -6.47
C VAL B 286 -22.38 -31.07 -7.09
N ALA B 287 -21.28 -30.80 -6.37
CA ALA B 287 -19.93 -31.03 -6.90
C ALA B 287 -19.63 -32.50 -7.21
N GLU B 288 -20.26 -33.40 -6.47
CA GLU B 288 -20.11 -34.83 -6.74
C GLU B 288 -20.56 -35.15 -8.16
N ASP B 289 -21.51 -34.36 -8.68
CA ASP B 289 -22.18 -34.71 -9.94
C ASP B 289 -21.48 -34.13 -11.17
N LEU B 290 -20.38 -33.41 -10.95
CA LEU B 290 -19.60 -32.95 -12.08
C LEU B 290 -19.01 -34.17 -12.78
N ASN B 291 -18.62 -33.99 -14.04
CA ASN B 291 -18.04 -35.07 -14.82
C ASN B 291 -17.55 -34.44 -16.12
N TRP B 292 -16.85 -35.23 -16.93
CA TRP B 292 -16.19 -34.66 -18.11
C TRP B 292 -17.17 -34.08 -19.13
N GLU B 293 -18.36 -34.66 -19.21
CA GLU B 293 -19.34 -34.28 -20.23
C GLU B 293 -19.87 -32.86 -20.03
N VAL B 294 -20.53 -32.59 -18.90
CA VAL B 294 -21.06 -31.26 -18.66
C VAL B 294 -19.93 -30.25 -18.74
N PHE B 295 -18.75 -30.64 -18.28
CA PHE B 295 -17.61 -29.74 -18.39
C PHE B 295 -17.28 -29.46 -19.85
N ARG B 296 -17.08 -30.50 -20.65
CA ARG B 296 -16.79 -30.31 -22.07
C ARG B 296 -17.78 -29.37 -22.75
N ASP B 297 -19.06 -29.59 -22.47
CA ASP B 297 -20.11 -28.77 -23.06
C ASP B 297 -20.00 -27.29 -22.64
N THR B 298 -19.65 -27.05 -21.38
CA THR B 298 -19.47 -25.68 -20.91
C THR B 298 -18.31 -24.99 -21.62
N LEU B 299 -17.21 -25.71 -21.81
CA LEU B 299 -16.06 -25.14 -22.51
C LEU B 299 -16.46 -24.68 -23.90
N ILE B 300 -17.14 -25.54 -24.64
CA ILE B 300 -17.51 -25.25 -26.01
C ILE B 300 -18.50 -24.08 -26.12
N GLU B 301 -19.46 -24.03 -25.20
CA GLU B 301 -20.39 -22.91 -25.17
C GLU B 301 -19.57 -21.62 -25.09
N GLN B 302 -18.81 -21.50 -24.01
CA GLN B 302 -18.04 -20.29 -23.77
C GLN B 302 -17.05 -19.98 -24.89
N CYS B 303 -16.41 -21.02 -25.43
CA CYS B 303 -15.48 -20.83 -26.54
C CYS B 303 -16.14 -20.17 -27.76
N GLU B 304 -17.38 -20.55 -28.03
CA GLU B 304 -18.12 -19.97 -29.15
C GLU B 304 -18.66 -18.60 -28.78
N GLN B 305 -18.97 -18.43 -27.49
CA GLN B 305 -19.48 -17.16 -26.98
C GLN B 305 -18.41 -16.07 -27.04
N GLY B 306 -17.15 -16.43 -26.83
CA GLY B 306 -16.06 -15.48 -26.97
C GLY B 306 -15.15 -15.25 -25.78
N VAL B 307 -15.34 -16.01 -24.70
CA VAL B 307 -14.46 -15.87 -23.54
C VAL B 307 -13.01 -15.96 -24.01
N ASP B 308 -12.17 -15.07 -23.51
CA ASP B 308 -10.80 -14.96 -24.01
C ASP B 308 -9.81 -15.83 -23.24
N TYR B 309 -10.18 -16.24 -22.03
CA TYR B 309 -9.32 -17.15 -21.28
C TYR B 309 -10.05 -17.83 -20.13
N PHE B 310 -9.61 -19.04 -19.81
CA PHE B 310 -10.26 -19.85 -18.79
C PHE B 310 -9.38 -20.02 -17.58
N THR B 311 -10.00 -19.94 -16.41
CA THR B 311 -9.31 -20.35 -15.20
C THR B 311 -9.65 -21.80 -14.94
N ILE B 312 -8.65 -22.67 -15.00
CA ILE B 312 -8.83 -24.10 -14.79
C ILE B 312 -7.95 -24.64 -13.66
N HIS B 313 -8.57 -25.09 -12.59
CA HIS B 313 -7.84 -25.56 -11.42
C HIS B 313 -7.30 -26.98 -11.61
N ALA B 314 -6.55 -27.16 -12.68
CA ALA B 314 -6.02 -28.47 -13.07
C ALA B 314 -4.91 -28.92 -12.13
N GLY B 315 -4.46 -28.03 -11.27
CA GLY B 315 -3.35 -28.32 -10.38
C GLY B 315 -3.78 -28.79 -9.01
N VAL B 316 -5.08 -28.84 -8.77
CA VAL B 316 -5.58 -29.38 -7.51
C VAL B 316 -5.68 -30.90 -7.58
N ARG B 317 -4.57 -31.55 -7.27
CA ARG B 317 -4.49 -33.00 -7.37
C ARG B 317 -4.81 -33.71 -6.04
N LEU B 318 -5.38 -34.91 -6.16
CA LEU B 318 -5.67 -35.78 -5.02
C LEU B 318 -4.62 -35.77 -3.90
N PRO B 319 -3.33 -35.98 -4.25
CA PRO B 319 -2.24 -36.01 -3.25
C PRO B 319 -2.08 -34.70 -2.47
N PHE B 320 -2.44 -33.58 -3.08
CA PHE B 320 -2.23 -32.27 -2.44
C PHE B 320 -3.25 -31.97 -1.35
N ILE B 321 -4.50 -32.37 -1.58
CA ILE B 321 -5.58 -32.03 -0.67
C ILE B 321 -5.26 -32.30 0.80
N PRO B 322 -4.74 -33.51 1.12
CA PRO B 322 -4.36 -33.82 2.50
C PRO B 322 -3.31 -32.86 3.05
N THR B 324 -3.33 -29.76 2.88
CA THR B 324 -3.95 -28.51 3.34
C THR B 324 -4.67 -28.65 4.67
N ALA B 325 -4.52 -29.79 5.32
CA ALA B 325 -5.19 -30.01 6.61
C ALA B 325 -4.52 -29.28 7.78
N LYS B 326 -3.19 -29.19 7.76
CA LYS B 326 -2.48 -28.54 8.86
C LYS B 326 -2.44 -27.01 8.69
N ARG B 327 -3.21 -26.51 7.73
CA ARG B 327 -3.32 -25.07 7.50
C ARG B 327 -4.16 -24.37 8.55
N VAL B 328 -4.03 -23.05 8.60
CA VAL B 328 -4.85 -22.24 9.49
C VAL B 328 -6.21 -21.91 8.84
N THR B 329 -6.22 -21.65 7.53
CA THR B 329 -7.49 -21.34 6.84
C THR B 329 -7.93 -22.38 5.80
N GLY B 330 -7.06 -23.33 5.48
CA GLY B 330 -7.42 -24.40 4.57
C GLY B 330 -7.49 -23.99 3.10
N ILE B 331 -8.49 -24.51 2.38
CA ILE B 331 -8.62 -24.20 0.96
C ILE B 331 -9.59 -23.06 0.75
N VAL B 332 -9.15 -21.98 0.13
CA VAL B 332 -9.96 -20.76 0.06
C VAL B 332 -10.32 -20.37 -1.37
N SER B 333 -9.87 -21.13 -2.35
CA SER B 333 -10.35 -20.92 -3.71
C SER B 333 -11.71 -21.57 -3.89
N ARG B 334 -12.62 -20.86 -4.55
CA ARG B 334 -13.94 -21.43 -4.84
C ARG B 334 -13.80 -22.58 -5.83
N GLY B 335 -12.92 -22.42 -6.81
CA GLY B 335 -12.64 -23.47 -7.77
C GLY B 335 -11.88 -24.62 -7.15
N GLY B 336 -10.95 -24.31 -6.25
CA GLY B 336 -10.22 -25.32 -5.52
C GLY B 336 -11.15 -26.17 -4.67
N SER B 337 -12.04 -25.50 -3.94
CA SER B 337 -13.00 -26.19 -3.07
C SER B 337 -13.84 -27.17 -3.86
N ILE B 338 -14.36 -26.72 -4.99
CA ILE B 338 -15.19 -27.56 -5.85
C ILE B 338 -14.44 -28.83 -6.26
N ALA B 340 -11.75 -30.18 -4.89
CA ALA B 340 -11.45 -31.00 -3.74
C ALA B 340 -12.69 -31.84 -3.41
N LYS B 341 -13.85 -31.18 -3.30
CA LYS B 341 -15.09 -31.89 -3.02
C LYS B 341 -15.31 -33.06 -3.97
N TRP B 342 -15.00 -32.84 -5.24
CA TRP B 342 -15.14 -33.90 -6.24
C TRP B 342 -14.13 -35.03 -6.07
N CYS B 343 -12.89 -34.68 -5.78
CA CYS B 343 -11.83 -35.66 -5.61
C CYS B 343 -12.06 -36.58 -4.39
N LEU B 344 -12.54 -36.01 -3.29
CA LEU B 344 -12.70 -36.78 -2.06
C LEU B 344 -13.95 -37.68 -2.05
N ALA B 345 -14.89 -37.41 -2.94
CA ALA B 345 -16.12 -38.18 -2.98
C ALA B 345 -16.03 -39.36 -3.96
N HIS B 346 -15.15 -39.24 -4.95
CA HIS B 346 -15.02 -40.22 -6.02
C HIS B 346 -13.71 -40.97 -5.84
N HIS B 347 -12.86 -40.40 -4.99
CA HIS B 347 -11.48 -40.86 -4.81
C HIS B 347 -10.71 -41.11 -6.11
N LYS B 348 -11.17 -40.51 -7.21
CA LYS B 348 -10.40 -40.52 -8.44
C LYS B 348 -9.58 -39.23 -8.49
N GLU B 349 -8.63 -39.16 -9.41
CA GLU B 349 -7.81 -37.97 -9.58
C GLU B 349 -8.62 -36.87 -10.26
N ASN B 350 -8.27 -35.62 -9.97
CA ASN B 350 -8.87 -34.45 -10.59
C ASN B 350 -9.06 -34.66 -12.08
N PHE B 351 -10.32 -34.74 -12.53
CA PHE B 351 -10.56 -35.02 -13.96
C PHE B 351 -10.13 -33.90 -14.90
N LEU B 352 -9.87 -32.72 -14.37
CA LEU B 352 -9.32 -31.64 -15.18
C LEU B 352 -7.86 -31.90 -15.50
N TYR B 353 -7.15 -32.54 -14.57
CA TYR B 353 -5.74 -32.90 -14.77
C TYR B 353 -5.62 -34.13 -15.68
N GLU B 354 -6.58 -35.04 -15.55
CA GLU B 354 -6.64 -36.25 -16.37
C GLU B 354 -6.96 -35.94 -17.83
N ARG B 355 -7.96 -35.09 -18.04
CA ARG B 355 -8.42 -34.77 -19.39
C ARG B 355 -7.70 -33.55 -19.95
N PHE B 356 -6.60 -33.14 -19.31
CA PHE B 356 -5.95 -31.88 -19.70
C PHE B 356 -5.69 -31.76 -21.20
N ASP B 357 -5.31 -32.87 -21.83
CA ASP B 357 -4.98 -32.86 -23.26
C ASP B 357 -6.21 -32.58 -24.12
N GLU B 358 -7.34 -33.20 -23.77
CA GLU B 358 -8.56 -33.01 -24.53
C GLU B 358 -9.13 -31.62 -24.29
N ILE B 359 -8.68 -30.97 -23.24
CA ILE B 359 -9.07 -29.59 -22.96
C ILE B 359 -8.28 -28.62 -23.84
N CYS B 360 -6.99 -28.88 -24.01
CA CYS B 360 -6.15 -28.05 -24.85
C CYS B 360 -6.62 -28.13 -26.29
N GLU B 361 -7.12 -29.31 -26.68
CA GLU B 361 -7.55 -29.51 -28.06
C GLU B 361 -8.81 -28.70 -28.39
N ILE B 362 -9.67 -28.52 -27.39
CA ILE B 362 -10.84 -27.66 -27.54
C ILE B 362 -10.42 -26.19 -27.60
N ARG B 364 -7.62 -24.65 -28.27
CA ARG B 364 -6.75 -24.14 -29.31
C ARG B 364 -7.53 -23.92 -30.59
N ALA B 365 -8.76 -24.44 -30.62
CA ALA B 365 -9.60 -24.31 -31.80
C ALA B 365 -10.33 -22.98 -31.82
N TYR B 366 -9.99 -22.09 -30.90
CA TYR B 366 -10.65 -20.79 -30.82
C TYR B 366 -9.66 -19.71 -30.36
N ASP B 367 -8.52 -20.16 -29.82
CA ASP B 367 -7.49 -19.33 -29.19
C ASP B 367 -7.90 -18.79 -27.81
N VAL B 368 -8.51 -19.64 -27.01
CA VAL B 368 -8.68 -19.34 -25.60
C VAL B 368 -7.33 -19.49 -24.91
N SER B 369 -7.06 -18.66 -23.90
CA SER B 369 -5.82 -18.79 -23.15
C SER B 369 -6.06 -19.41 -21.78
N PHE B 370 -5.06 -20.10 -21.26
CA PHE B 370 -5.13 -20.69 -19.94
C PHE B 370 -4.81 -19.69 -18.85
N SER B 371 -5.55 -19.79 -17.76
CA SER B 371 -5.11 -19.21 -16.51
C SER B 371 -5.09 -20.38 -15.55
N LEU B 372 -3.97 -21.08 -15.50
CA LEU B 372 -3.84 -22.25 -14.62
C LEU B 372 -3.99 -21.82 -13.18
N GLY B 373 -5.11 -22.19 -12.58
CA GLY B 373 -5.53 -21.69 -11.28
C GLY B 373 -4.84 -22.36 -10.13
N ASP B 374 -4.74 -21.62 -9.03
CA ASP B 374 -4.14 -22.10 -7.80
C ASP B 374 -5.19 -22.28 -6.73
N GLY B 375 -5.93 -23.39 -6.82
CA GLY B 375 -6.91 -23.72 -5.81
C GLY B 375 -6.30 -23.81 -4.42
N LEU B 376 -4.98 -23.98 -4.38
CA LEU B 376 -4.28 -24.15 -3.10
C LEU B 376 -3.63 -22.85 -2.59
N ARG B 377 -4.20 -21.71 -2.98
CA ARG B 377 -3.66 -20.44 -2.50
C ARG B 377 -3.88 -20.26 -1.00
N PRO B 378 -2.90 -19.65 -0.32
CA PRO B 378 -3.00 -19.33 1.12
C PRO B 378 -4.05 -18.25 1.41
N GLY B 379 -4.89 -18.52 2.41
CA GLY B 379 -5.91 -17.58 2.84
C GLY B 379 -5.54 -16.95 4.17
N SER B 380 -4.32 -17.18 4.60
CA SER B 380 -3.79 -16.53 5.79
C SER B 380 -2.28 -16.49 5.67
N THR B 381 -1.65 -15.44 6.20
CA THR B 381 -0.21 -15.29 6.10
C THR B 381 0.52 -16.53 6.60
N ALA B 382 -0.06 -17.18 7.61
CA ALA B 382 0.56 -18.36 8.21
C ALA B 382 0.78 -19.47 7.20
N ASP B 383 -0.09 -19.54 6.20
CA ASP B 383 -0.05 -20.66 5.28
C ASP B 383 0.78 -20.42 4.03
N ALA B 384 1.32 -19.21 3.88
CA ALA B 384 2.08 -18.87 2.68
C ALA B 384 3.31 -19.75 2.44
N ASN B 385 3.61 -19.95 1.16
CA ASN B 385 4.80 -20.68 0.69
C ASN B 385 4.97 -22.08 1.30
N ASP B 386 3.86 -22.68 1.73
CA ASP B 386 3.90 -24.03 2.30
C ASP B 386 3.92 -25.09 1.20
N GLU B 387 4.11 -26.35 1.61
CA GLU B 387 4.27 -27.48 0.70
C GLU B 387 3.16 -27.57 -0.35
N ALA B 388 1.93 -27.35 0.08
CA ALA B 388 0.75 -27.53 -0.79
C ALA B 388 0.75 -26.55 -1.96
N GLN B 389 1.02 -25.30 -1.66
CA GLN B 389 0.97 -24.24 -2.66
C GLN B 389 2.12 -24.43 -3.66
N PHE B 390 3.23 -24.95 -3.16
CA PHE B 390 4.43 -25.16 -3.99
C PHE B 390 4.35 -26.45 -4.79
N SER B 391 3.55 -27.39 -4.31
CA SER B 391 3.39 -28.66 -5.01
C SER B 391 2.46 -28.43 -6.19
N GLU B 392 1.47 -27.59 -5.99
CA GLU B 392 0.59 -27.19 -7.06
C GLU B 392 1.32 -26.31 -8.08
N LEU B 393 2.22 -25.46 -7.59
CA LEU B 393 3.01 -24.58 -8.47
C LEU B 393 3.90 -25.39 -9.41
N ARG B 394 4.56 -26.43 -8.89
CA ARG B 394 5.37 -27.29 -9.73
C ARG B 394 4.50 -28.07 -10.74
N THR B 395 3.29 -28.43 -10.30
CA THR B 395 2.36 -29.13 -11.19
C THR B 395 1.88 -28.24 -12.34
N LEU B 396 1.58 -26.99 -12.02
CA LEU B 396 1.20 -26.02 -13.06
C LEU B 396 2.37 -25.82 -14.04
N GLY B 397 3.60 -25.95 -13.53
CA GLY B 397 4.78 -25.85 -14.38
C GLY B 397 4.84 -26.97 -15.39
N GLU B 398 4.58 -28.19 -14.93
CA GLU B 398 4.50 -29.34 -15.83
C GLU B 398 3.41 -29.07 -16.87
N LEU B 399 2.22 -28.73 -16.38
CA LEU B 399 1.07 -28.51 -17.25
C LEU B 399 1.33 -27.43 -18.30
N THR B 400 2.06 -26.39 -17.88
CA THR B 400 2.44 -25.32 -18.78
C THR B 400 3.10 -25.90 -20.03
N LYS B 401 4.15 -26.69 -19.81
CA LYS B 401 4.89 -27.38 -20.88
C LYS B 401 3.97 -28.15 -21.84
N VAL B 402 3.07 -28.96 -21.28
CA VAL B 402 2.10 -29.68 -22.09
C VAL B 402 1.21 -28.74 -22.91
N ALA B 403 0.70 -27.69 -22.28
CA ALA B 403 -0.14 -26.71 -22.98
C ALA B 403 0.58 -26.13 -24.20
N TRP B 404 1.85 -25.80 -24.06
CA TRP B 404 2.62 -25.25 -25.18
C TRP B 404 2.71 -26.20 -26.36
N LYS B 405 2.96 -27.49 -26.10
CA LYS B 405 3.03 -28.46 -27.19
C LYS B 405 1.74 -28.46 -28.00
N HIS B 406 0.61 -28.27 -27.33
CA HIS B 406 -0.67 -28.14 -28.03
C HIS B 406 -0.86 -26.76 -28.66
N GLY B 407 0.14 -25.89 -28.48
CA GLY B 407 0.09 -24.54 -29.00
C GLY B 407 -0.95 -23.66 -28.34
N VAL B 408 -1.03 -23.71 -27.02
CA VAL B 408 -2.01 -22.91 -26.29
C VAL B 408 -1.36 -21.96 -25.30
N GLN B 409 -1.85 -20.73 -25.25
CA GLN B 409 -1.25 -19.68 -24.42
C GLN B 409 -1.53 -19.89 -22.93
N VAL B 410 -0.50 -19.65 -22.11
CA VAL B 410 -0.62 -19.98 -20.70
C VAL B 410 -0.17 -18.86 -19.78
N ILE B 412 -0.09 -18.28 -15.20
CA ILE B 412 -0.20 -18.99 -13.93
C ILE B 412 -0.74 -18.07 -12.85
N GLU B 413 -1.65 -18.60 -12.03
CA GLU B 413 -2.18 -17.82 -10.91
C GLU B 413 -1.37 -18.02 -9.62
N GLY B 414 -1.30 -16.97 -8.80
CA GLY B 414 -0.51 -17.01 -7.58
C GLY B 414 -1.27 -16.48 -6.39
N PRO B 415 -0.56 -16.26 -5.27
CA PRO B 415 -1.13 -15.88 -3.96
C PRO B 415 -1.92 -14.59 -4.09
N GLY B 416 -2.81 -14.29 -3.15
CA GLY B 416 -2.96 -15.05 -1.92
C GLY B 416 -2.50 -14.17 -0.77
N HIS B 417 -2.39 -14.75 0.41
CA HIS B 417 -1.87 -14.02 1.57
C HIS B 417 -0.40 -14.35 1.80
N VAL B 418 0.45 -13.34 1.78
CA VAL B 418 1.87 -13.55 1.97
C VAL B 418 2.50 -12.34 2.64
N ALA B 419 3.18 -12.57 3.75
CA ALA B 419 3.93 -11.50 4.40
C ALA B 419 5.07 -11.08 3.48
N HIS B 421 8.10 -10.64 3.48
CA HIS B 421 9.38 -11.32 3.47
C HIS B 421 9.37 -12.61 2.65
N LYS B 422 8.16 -13.11 2.39
CA LYS B 422 7.98 -14.34 1.62
C LYS B 422 7.61 -14.08 0.15
N ILE B 423 7.44 -12.82 -0.23
CA ILE B 423 6.95 -12.50 -1.56
C ILE B 423 7.96 -12.77 -2.67
N LYS B 424 9.22 -12.37 -2.48
CA LYS B 424 10.26 -12.63 -3.50
C LYS B 424 10.44 -14.13 -3.73
N ALA B 425 10.48 -14.90 -2.64
CA ALA B 425 10.56 -16.35 -2.72
C ALA B 425 9.51 -16.90 -3.69
N ASN B 426 8.28 -16.43 -3.53
CA ASN B 426 7.19 -16.90 -4.37
C ASN B 426 7.44 -16.61 -5.84
N ASP B 428 10.52 -16.19 -7.24
CA ASP B 428 11.66 -16.97 -7.69
C ASP B 428 11.25 -18.41 -7.99
N GLU B 429 10.33 -18.96 -7.17
CA GLU B 429 9.80 -20.30 -7.39
C GLU B 429 9.09 -20.40 -8.73
N GLN B 430 8.25 -19.42 -9.03
CA GLN B 430 7.45 -19.45 -10.25
C GLN B 430 8.28 -19.30 -11.52
N LEU B 431 9.29 -18.43 -11.51
CA LEU B 431 10.15 -18.26 -12.68
C LEU B 431 10.90 -19.54 -13.00
N LYS B 432 11.32 -20.23 -11.94
CA LYS B 432 12.04 -21.49 -12.08
C LYS B 432 11.11 -22.60 -12.60
N HIS B 433 10.11 -22.96 -11.82
CA HIS B 433 9.28 -24.12 -12.12
C HIS B 433 8.17 -23.90 -13.16
N CYS B 434 7.97 -22.65 -13.56
CA CYS B 434 6.93 -22.33 -14.55
C CYS B 434 7.47 -21.80 -15.87
N HIS B 435 8.79 -21.86 -16.03
CA HIS B 435 9.42 -21.60 -17.32
C HIS B 435 9.12 -20.19 -17.81
N GLU B 436 8.98 -19.27 -16.85
CA GLU B 436 8.89 -17.86 -17.14
C GLU B 436 7.55 -17.45 -17.73
N ALA B 437 6.53 -18.27 -17.53
CA ALA B 437 5.20 -17.91 -17.99
C ALA B 437 4.67 -16.71 -17.18
N PRO B 438 3.82 -15.89 -17.81
CA PRO B 438 3.17 -14.74 -17.17
C PRO B 438 2.52 -15.10 -15.84
N PHE B 439 2.81 -14.32 -14.80
CA PHE B 439 2.31 -14.58 -13.45
C PHE B 439 1.08 -13.70 -13.17
N TYR B 440 0.05 -14.27 -12.55
CA TYR B 440 -1.22 -13.58 -12.33
C TYR B 440 -1.67 -13.69 -10.88
N THR B 441 -1.26 -12.74 -10.05
CA THR B 441 -1.52 -12.83 -8.62
C THR B 441 -2.72 -12.01 -8.20
N LEU B 442 -3.32 -12.38 -7.08
CA LEU B 442 -4.36 -11.61 -6.44
C LEU B 442 -3.78 -11.03 -5.13
N GLY B 443 -3.33 -9.79 -5.18
CA GLY B 443 -2.57 -9.21 -4.08
C GLY B 443 -1.09 -9.36 -4.37
N PRO B 444 -0.32 -9.83 -3.39
CA PRO B 444 -0.70 -10.50 -2.15
C PRO B 444 -1.07 -9.58 -0.99
N LEU B 445 -2.06 -10.00 -0.22
CA LEU B 445 -2.34 -9.43 1.10
C LEU B 445 -1.09 -9.63 1.94
N THR B 446 -0.61 -8.58 2.58
CA THR B 446 0.61 -8.67 3.36
C THR B 446 0.32 -8.84 4.86
N THR B 447 -0.95 -8.75 5.21
CA THR B 447 -1.38 -8.96 6.58
C THR B 447 -2.88 -9.19 6.63
N ASP B 448 -3.32 -9.94 7.64
CA ASP B 448 -4.72 -10.34 7.69
C ASP B 448 -5.58 -9.51 8.63
N ILE B 449 -4.97 -8.57 9.35
CA ILE B 449 -5.66 -7.91 10.46
C ILE B 449 -6.49 -6.67 10.14
N ALA B 450 -6.80 -6.44 8.88
CA ALA B 450 -7.44 -5.17 8.53
C ALA B 450 -8.65 -5.30 7.59
N PRO B 451 -9.67 -6.06 8.00
CA PRO B 451 -10.86 -6.18 7.15
C PRO B 451 -11.48 -4.81 6.91
N GLY B 452 -11.81 -4.52 5.65
CA GLY B 452 -12.34 -3.21 5.28
C GLY B 452 -11.28 -2.34 4.64
N TYR B 453 -10.08 -2.90 4.51
CA TYR B 453 -8.96 -2.13 4.01
C TYR B 453 -8.03 -3.05 3.24
N ASP B 454 -8.55 -4.19 2.80
CA ASP B 454 -7.70 -5.20 2.20
C ASP B 454 -7.16 -4.72 0.86
N HIS B 455 -7.78 -3.71 0.28
CA HIS B 455 -7.21 -3.11 -0.92
C HIS B 455 -5.85 -2.49 -0.58
N ILE B 456 -5.72 -1.95 0.62
CA ILE B 456 -4.46 -1.37 1.06
C ILE B 456 -3.40 -2.42 1.41
N THR B 457 -3.79 -3.46 2.13
CA THR B 457 -2.86 -4.50 2.50
C THR B 457 -2.37 -5.25 1.26
N SER B 458 -3.24 -5.35 0.26
CA SER B 458 -2.90 -6.08 -0.97
C SER B 458 -2.16 -5.20 -1.98
N ALA B 459 -2.30 -3.89 -1.87
CA ALA B 459 -1.59 -2.98 -2.74
C ALA B 459 -0.09 -3.00 -2.43
N ILE B 460 0.24 -3.18 -1.16
CA ILE B 460 1.63 -3.27 -0.75
C ILE B 460 2.28 -4.50 -1.39
N GLY B 461 1.65 -5.66 -1.25
CA GLY B 461 2.14 -6.87 -1.87
C GLY B 461 2.11 -6.83 -3.38
N ALA B 462 1.06 -6.23 -3.95
CA ALA B 462 0.90 -6.15 -5.40
C ALA B 462 1.98 -5.30 -6.07
N ALA B 463 2.25 -4.13 -5.49
CA ALA B 463 3.31 -3.27 -5.98
C ALA B 463 4.63 -4.03 -6.02
N ILE B 465 5.28 -7.34 -5.95
CA ILE B 465 5.38 -8.53 -6.76
C ILE B 465 5.42 -8.14 -8.22
N GLY B 466 4.77 -7.03 -8.57
CA GLY B 466 4.81 -6.51 -9.93
C GLY B 466 6.21 -6.05 -10.24
N TRP B 467 6.84 -5.43 -9.24
CA TRP B 467 8.23 -5.03 -9.31
C TRP B 467 9.09 -6.27 -9.60
N PHE B 468 8.83 -7.34 -8.87
CA PHE B 468 9.62 -8.56 -8.96
C PHE B 468 9.44 -9.30 -10.29
N GLY B 469 8.30 -9.09 -10.94
CA GLY B 469 8.08 -9.67 -12.27
C GLY B 469 6.67 -10.12 -12.64
N THR B 470 5.70 -9.90 -11.75
CA THR B 470 4.32 -10.30 -12.04
C THR B 470 3.72 -9.51 -13.20
N ALA B 471 3.03 -10.23 -14.08
CA ALA B 471 2.48 -9.62 -15.28
C ALA B 471 1.10 -9.02 -15.05
N LEU B 473 -2.18 -8.26 -12.01
CA LEU B 473 -2.67 -8.20 -10.64
C LEU B 473 -4.20 -8.17 -10.62
N CYS B 474 -4.82 -9.20 -10.05
CA CYS B 474 -6.26 -9.17 -9.85
C CYS B 474 -6.56 -8.23 -8.70
N TYR B 475 -7.49 -7.31 -8.90
CA TYR B 475 -7.66 -6.24 -7.92
C TYR B 475 -8.43 -6.71 -6.71
N VAL B 476 -8.42 -5.89 -5.68
CA VAL B 476 -9.08 -6.19 -4.42
C VAL B 476 -9.80 -4.92 -4.00
N THR B 477 -11.08 -5.04 -3.67
CA THR B 477 -11.80 -3.87 -3.21
C THR B 477 -11.88 -3.82 -1.68
N PRO B 478 -12.20 -2.65 -1.14
CA PRO B 478 -12.34 -2.48 0.31
C PRO B 478 -13.21 -3.55 0.96
N LYS B 479 -14.26 -3.99 0.27
CA LYS B 479 -15.21 -4.95 0.81
C LYS B 479 -14.78 -6.42 0.70
N GLU B 480 -13.49 -6.67 0.53
CA GLU B 480 -12.99 -8.04 0.45
C GLU B 480 -13.01 -8.75 1.80
N HIS B 481 -13.58 -9.96 1.80
CA HIS B 481 -13.76 -10.75 3.02
C HIS B 481 -15.00 -10.33 3.78
N LEU B 482 -15.76 -9.38 3.23
CA LEU B 482 -16.82 -8.76 4.00
C LEU B 482 -18.18 -8.72 3.30
N GLY B 483 -18.19 -8.24 2.06
CA GLY B 483 -19.43 -8.11 1.33
C GLY B 483 -19.24 -7.96 -0.16
N LEU B 484 -20.26 -7.43 -0.82
CA LEU B 484 -20.23 -7.22 -2.26
C LEU B 484 -19.92 -5.76 -2.55
N PRO B 485 -19.05 -5.53 -3.54
CA PRO B 485 -18.56 -4.20 -3.90
C PRO B 485 -19.63 -3.37 -4.59
N ASP B 486 -19.88 -2.16 -4.10
CA ASP B 486 -20.73 -1.22 -4.84
C ASP B 486 -19.88 -0.46 -5.85
N ARG B 487 -20.48 0.47 -6.57
CA ARG B 487 -19.72 1.11 -7.64
C ARG B 487 -18.51 1.91 -7.11
N ASP B 488 -18.66 2.56 -5.96
CA ASP B 488 -17.54 3.28 -5.36
C ASP B 488 -16.38 2.38 -4.98
N ASP B 489 -16.69 1.25 -4.35
CA ASP B 489 -15.67 0.30 -3.98
C ASP B 489 -14.91 -0.14 -5.21
N VAL B 490 -15.63 -0.46 -6.26
CA VAL B 490 -14.98 -0.94 -7.47
C VAL B 490 -14.02 0.12 -8.03
N LYS B 491 -14.38 1.39 -7.88
CA LYS B 491 -13.51 2.45 -8.34
C LYS B 491 -12.25 2.52 -7.50
N THR B 492 -12.42 2.52 -6.18
CA THR B 492 -11.27 2.59 -5.29
C THR B 492 -10.35 1.41 -5.55
N GLY B 493 -10.93 0.28 -5.93
CA GLY B 493 -10.16 -0.92 -6.10
C GLY B 493 -9.30 -0.76 -7.32
N VAL B 494 -9.94 -0.32 -8.40
CA VAL B 494 -9.26 -0.13 -9.67
C VAL B 494 -8.18 0.95 -9.56
N ILE B 495 -8.54 2.12 -9.02
CA ILE B 495 -7.55 3.18 -8.88
C ILE B 495 -6.36 2.68 -8.06
N THR B 496 -6.65 1.97 -6.97
CA THR B 496 -5.59 1.44 -6.11
C THR B 496 -4.64 0.53 -6.87
N TYR B 497 -5.17 -0.29 -7.77
CA TYR B 497 -4.28 -1.20 -8.51
C TYR B 497 -3.62 -0.54 -9.70
N LYS B 498 -4.30 0.41 -10.32
CA LYS B 498 -3.63 1.14 -11.38
C LYS B 498 -2.36 1.76 -10.82
N LEU B 499 -2.48 2.43 -9.68
CA LEU B 499 -1.34 3.08 -9.09
C LEU B 499 -0.31 2.08 -8.52
N ALA B 500 -0.76 0.93 -8.06
CA ALA B 500 0.17 -0.10 -7.65
C ALA B 500 0.99 -0.57 -8.84
N ALA B 501 0.31 -0.78 -9.96
CA ALA B 501 0.95 -1.29 -11.15
C ALA B 501 1.93 -0.25 -11.67
N HIS B 502 1.57 1.02 -11.49
CA HIS B 502 2.43 2.09 -11.95
C HIS B 502 3.68 2.21 -11.11
N ALA B 503 3.53 2.16 -9.79
CA ALA B 503 4.68 2.23 -8.92
C ALA B 503 5.66 1.16 -9.35
N ALA B 504 5.13 0.00 -9.74
CA ALA B 504 5.95 -1.12 -10.14
C ALA B 504 6.68 -0.84 -11.45
N ASP B 505 5.99 -0.24 -12.41
CA ASP B 505 6.60 0.14 -13.68
C ASP B 505 7.73 1.14 -13.44
N LEU B 506 7.50 2.07 -12.53
CA LEU B 506 8.48 3.09 -12.17
C LEU B 506 9.75 2.40 -11.66
N ALA B 507 9.56 1.44 -10.76
CA ALA B 507 10.68 0.78 -10.10
C ALA B 507 11.41 -0.19 -11.03
N LYS B 508 10.68 -0.79 -11.96
CA LYS B 508 11.29 -1.65 -12.98
C LYS B 508 12.08 -0.81 -13.97
N GLY B 509 11.93 0.51 -13.89
CA GLY B 509 12.61 1.40 -14.81
C GLY B 509 11.96 1.41 -16.18
N HIS B 510 10.70 1.00 -16.26
CA HIS B 510 9.97 1.05 -17.53
C HIS B 510 10.06 2.44 -18.19
N PRO B 511 10.38 2.45 -19.49
CA PRO B 511 10.62 3.63 -20.32
C PRO B 511 9.55 4.73 -20.27
N GLY B 512 8.29 4.36 -20.12
CA GLY B 512 7.22 5.33 -20.19
C GLY B 512 6.74 5.86 -18.86
N ALA B 513 7.16 5.21 -17.78
CA ALA B 513 6.60 5.48 -16.48
C ALA B 513 6.99 6.85 -15.94
N ALA B 514 8.28 7.18 -15.99
CA ALA B 514 8.80 8.41 -15.41
C ALA B 514 8.22 9.69 -16.03
N TRP B 516 5.18 10.47 -16.98
CA TRP B 516 3.92 10.86 -16.37
C TRP B 516 4.15 11.39 -14.96
N ASP B 517 5.05 10.72 -14.22
CA ASP B 517 5.43 11.18 -12.90
C ASP B 517 6.03 12.56 -12.91
N ASP B 518 6.97 12.78 -13.83
CA ASP B 518 7.66 14.06 -13.92
C ASP B 518 6.75 15.18 -14.45
N ALA B 519 5.79 14.82 -15.29
CA ALA B 519 4.85 15.78 -15.81
C ALA B 519 3.94 16.30 -14.70
N ILE B 520 3.47 15.38 -13.86
CA ILE B 520 2.57 15.70 -12.76
C ILE B 520 3.30 16.48 -11.66
N SER B 521 4.61 16.26 -11.55
CA SER B 521 5.40 16.95 -10.54
C SER B 521 5.78 18.35 -10.95
N ARG B 522 6.08 18.55 -12.23
CA ARG B 522 6.33 19.88 -12.75
C ARG B 522 5.10 20.74 -12.55
N ALA B 523 3.94 20.18 -12.82
CA ALA B 523 2.71 20.92 -12.61
C ALA B 523 2.61 21.36 -11.15
N ARG B 524 2.92 20.44 -10.23
CA ARG B 524 2.86 20.75 -8.81
C ARG B 524 3.80 21.91 -8.48
N PHE B 525 5.01 21.87 -9.03
CA PHE B 525 6.03 22.87 -8.77
C PHE B 525 5.69 24.26 -9.34
N GLU B 526 4.95 24.31 -10.45
CA GLU B 526 4.58 25.58 -11.05
C GLU B 526 3.19 26.06 -10.61
N PHE B 527 2.56 25.31 -9.71
CA PHE B 527 1.24 25.67 -9.20
C PHE B 527 0.17 25.61 -10.29
N ARG B 528 0.44 24.83 -11.31
CA ARG B 528 -0.54 24.56 -12.33
C ARG B 528 -1.52 23.51 -11.81
N TRP B 529 -2.37 23.93 -10.88
CA TRP B 529 -3.24 23.03 -10.17
C TRP B 529 -4.16 22.23 -11.10
N GLU B 530 -4.68 22.88 -12.13
CA GLU B 530 -5.61 22.21 -13.04
C GLU B 530 -4.96 21.05 -13.80
N ASP B 531 -3.69 21.20 -14.13
CA ASP B 531 -2.96 20.15 -14.83
C ASP B 531 -2.64 19.01 -13.89
N GLN B 532 -2.41 19.33 -12.63
CA GLN B 532 -2.14 18.31 -11.63
C GLN B 532 -3.36 17.40 -11.49
N PHE B 533 -4.54 17.99 -11.40
CA PHE B 533 -5.76 17.20 -11.35
C PHE B 533 -5.90 16.30 -12.58
N ASN B 534 -5.77 16.88 -13.77
CA ASN B 534 -5.99 16.12 -15.01
C ASN B 534 -4.97 15.03 -15.29
N LEU B 535 -3.77 15.17 -14.72
CA LEU B 535 -2.75 14.15 -14.92
C LEU B 535 -2.89 13.03 -13.91
N GLY B 536 -3.86 13.19 -13.00
CA GLY B 536 -4.09 12.19 -11.97
C GLY B 536 -4.94 11.04 -12.44
N LEU B 537 -4.92 9.95 -11.68
CA LEU B 537 -5.75 8.79 -11.98
C LEU B 537 -7.22 9.04 -11.70
N ASP B 538 -7.51 10.06 -10.89
CA ASP B 538 -8.88 10.43 -10.57
C ASP B 538 -9.00 11.93 -10.38
N PRO B 539 -9.05 12.67 -11.47
CA PRO B 539 -9.09 14.13 -11.48
C PRO B 539 -10.28 14.73 -10.74
N GLU B 540 -11.47 14.17 -10.90
CA GLU B 540 -12.64 14.70 -10.21
C GLU B 540 -12.46 14.69 -8.67
N THR B 541 -11.91 13.61 -8.15
CA THR B 541 -11.67 13.51 -6.71
C THR B 541 -10.61 14.50 -6.28
N ALA B 542 -9.53 14.56 -7.04
CA ALA B 542 -8.44 15.46 -6.73
C ALA B 542 -8.94 16.91 -6.67
N ARG B 543 -9.69 17.32 -7.70
CA ARG B 543 -10.23 18.67 -7.76
C ARG B 543 -11.24 18.97 -6.65
N LYS B 544 -12.06 17.99 -6.27
CA LYS B 544 -13.00 18.20 -5.18
C LYS B 544 -12.28 18.47 -3.86
N PHE B 545 -11.29 17.62 -3.55
CA PHE B 545 -10.55 17.67 -2.29
C PHE B 545 -9.82 18.98 -2.08
N HIS B 546 -9.45 19.61 -3.18
CA HIS B 546 -8.57 20.78 -3.13
C HIS B 546 -9.19 22.00 -2.46
#